data_8XIQ
#
_entry.id   8XIQ
#
loop_
_entity.id
_entity.type
_entity.pdbx_description
1 polymer 'Somatostatin receptor type 3'
2 polymer 'G-alpha i'
3 polymer 'Guanine nucleotide-binding protein G(I)/G(S)/G(T) subunit beta-1'
4 polymer 'nanobody Nb35'
5 polymer 'Guanine nucleotide-binding protein G(I)/G(S)/G(O) subunit gamma-2'
6 polymer NIT-FC0-NLE-A1D5B
7 water water
#
loop_
_entity_poly.entity_id
_entity_poly.type
_entity_poly.pdbx_seq_one_letter_code
_entity_poly.pdbx_strand_id
1 'polypeptide(L)'
;MDMLHPSSVSTTSEPENASSAWPPDATLGNVSAGPSPAGLAVSGVLIPLVYLVVCVVGLLGNSLVIYVVLRHTASPSVTN
VYILNLALADELFMLGLPFLAAQNALSYWPFGSLMCRLVMAVDGINQFTSIFCLTVMSVDRYLAVVHPTRSARWRTAPVA
RTVSAAVWVASAVVVLPVVVFSGVPRGMSTCHMQWPEPAAAWRAGFIIYTAALGFFGPLLVICLCYLLIVVKVRSAGRRV
WAPSCQRRRRSERRVTRMVVAVVALFVLCWMPFYVLNIVNVVCPLPEEPAFFGLYFLVVALPYANSCANPILYGFLSYRF
KQGFRRVLLRPSRRVRSQEPTVGPPEKTEEEDEEEEDGEESREGGKGKE
;
A
2 'polypeptide(L)'
;MGCTLSAEDKAAVERSKMIEKQLQKDKQVYRATHRLLLLGADNSGKSTIVKQMRIYHVNGYSEEECKQYKAVVYSNTIQS
IIAIIRAMGRLKIDFGDSARADDARQLFVLAGAAEEGFMTAELAGVIKRLWKDSGVQACFNRSREYQLNDSAAYYLNDLD
RIAQPNYIPTQQDVLRTRVKTSGIFETKFQVDKVNFHMFDVGAQRDERRKWIQCFNDVTAIIFVVDSSDYNRLQEALNDF
KSIWNNRWLRTISVILFLNKQDLLAEKVLAGKSKIEDYFPEFARYTTPEDATPEPGEDPRVTRAKYFIRDEFLRISTASG
DGRHYCYPHFTCSVDTENARRIFNDVTDIIIKMNLRDCGLF
;
B
3 'polypeptide(L)'
;MLLQSELDQLRQEAEQLKNQIRDARKACADATLSQITNNIDPVGRIQMRTRRTLRGHLAKIYAMHWGTDSRLLVSASQDG
KLIIWDSYTTNKVHAIPLRSSWVMTCAYAPSGNYVACGGLDNICSIYNLKTREGNVRVSRELAGHTGYLSCCRFLDDNQI
VTSSGDTTCALWDIETGQQTTTFTGHTGDVMSLSLAPDTRLFVSGACDASAKLWDVREGMCRQTFTGHESDINAICFFPN
GNAFATGSDDATCRLFDLRADQELMTYSHDNIICGITSVSFSKSGRLLLAGYDDFNCNVWDALKADRAGVLAGHDNRVSC
LGVTDDGMAVATGSWDSFLKIWNGSSGGGGSGGGGSSGVSGWRLFKKIS
;
C
4 'polypeptide(L)'
;MKYLLPTAAAGLLLLAAQPAMAQVQLQESGGGLVQPGGSLRLSCAASGFTFSNYKMNWVRQAPGKGLEWVSDISQSGASI
SYTGSVKGRFTISRDNAKNTLYLQMNSLKPEDTAVYYCARCPAPFTRDCFDVTSTTYAYRGQGTQVTVSSHHHHHH
;
D
5 'polypeptide(L)' MASNNTASIAQARKLVEQLKMEANIDRIKVSKAAADLMAYCEAHAKEDPLLTPVPASENPFREKKFFCAIL G
6 'polypeptide(L)' (NIT)(FC0)(NLE)(A1D5B) F
#
loop_
_chem_comp.id
_chem_comp.type
_chem_comp.name
_chem_comp.formula
NIT non-polymer 4-NITROANILINE 'C6 H6 N2 O2'
#
# COMPACT_ATOMS: atom_id res chain seq x y z
N LEU A 40 14.10 -58.29 19.94
CA LEU A 40 13.52 -58.08 18.63
C LEU A 40 14.59 -58.03 17.54
N ALA A 41 14.18 -57.71 16.32
CA ALA A 41 15.10 -57.63 15.19
C ALA A 41 15.75 -56.24 15.15
N VAL A 42 16.45 -55.94 14.06
CA VAL A 42 17.10 -54.64 13.94
C VAL A 42 16.08 -53.53 13.73
N SER A 43 14.87 -53.85 13.29
CA SER A 43 13.85 -52.82 13.07
C SER A 43 13.55 -52.06 14.36
N GLY A 44 13.57 -52.74 15.50
CA GLY A 44 13.37 -52.09 16.78
C GLY A 44 14.36 -50.98 17.08
N VAL A 45 15.46 -50.89 16.33
CA VAL A 45 16.39 -49.79 16.44
C VAL A 45 16.24 -48.77 15.32
N LEU A 46 15.70 -49.17 14.17
CA LEU A 46 15.59 -48.26 13.04
C LEU A 46 14.38 -47.34 13.16
N ILE A 47 13.26 -47.87 13.64
CA ILE A 47 12.01 -47.12 13.73
C ILE A 47 12.13 -45.97 14.74
N PRO A 48 12.61 -46.20 15.97
CA PRO A 48 12.67 -45.07 16.93
C PRO A 48 13.61 -43.95 16.48
N LEU A 49 14.85 -44.28 16.15
CA LEU A 49 15.85 -43.27 15.82
C LEU A 49 15.36 -42.34 14.71
N VAL A 50 14.98 -42.92 13.57
CA VAL A 50 14.44 -42.13 12.46
C VAL A 50 13.30 -41.25 12.94
N TYR A 51 12.44 -41.80 13.82
CA TYR A 51 11.38 -41.03 14.45
C TYR A 51 11.90 -39.69 14.94
N LEU A 52 12.91 -39.72 15.80
CA LEU A 52 13.53 -38.50 16.31
C LEU A 52 13.82 -37.53 15.17
N VAL A 53 14.54 -38.02 14.14
CA VAL A 53 14.84 -37.20 12.97
C VAL A 53 13.57 -36.56 12.45
N VAL A 54 12.58 -37.40 12.12
CA VAL A 54 11.29 -36.88 11.64
C VAL A 54 10.76 -35.84 12.61
N CYS A 55 10.74 -36.18 13.90
CA CYS A 55 10.31 -35.24 14.93
C CYS A 55 11.05 -33.92 14.78
N VAL A 56 12.38 -33.98 14.76
CA VAL A 56 13.19 -32.78 14.60
C VAL A 56 12.72 -31.99 13.39
N VAL A 57 12.58 -32.68 12.25
CA VAL A 57 12.09 -32.03 11.03
C VAL A 57 10.83 -31.24 11.33
N GLY A 58 9.82 -31.94 11.88
CA GLY A 58 8.60 -31.29 12.27
C GLY A 58 8.88 -30.09 13.14
N LEU A 59 9.60 -30.32 14.25
CA LEU A 59 9.99 -29.22 15.12
C LEU A 59 10.63 -28.10 14.33
N LEU A 60 11.60 -28.44 13.48
CA LEU A 60 12.25 -27.45 12.63
C LEU A 60 11.20 -26.61 11.91
N GLY A 61 10.33 -27.27 11.16
CA GLY A 61 9.26 -26.59 10.47
C GLY A 61 8.51 -25.68 11.41
N ASN A 62 8.03 -26.24 12.52
CA ASN A 62 7.32 -25.44 13.51
C ASN A 62 8.16 -24.24 13.94
N SER A 63 9.43 -24.50 14.31
CA SER A 63 10.30 -23.41 14.73
C SER A 63 10.31 -22.31 13.69
N LEU A 64 10.46 -22.68 12.42
CA LEU A 64 10.48 -21.69 11.36
C LEU A 64 9.21 -20.85 11.38
N VAL A 65 8.04 -21.51 11.39
CA VAL A 65 6.80 -20.74 11.39
C VAL A 65 6.68 -19.96 12.68
N ILE A 66 7.27 -20.45 13.77
CA ILE A 66 7.29 -19.69 15.02
C ILE A 66 7.88 -18.31 14.75
N TYR A 67 9.01 -18.27 14.06
CA TYR A 67 9.60 -16.98 13.69
C TYR A 67 8.59 -16.14 12.92
N VAL A 68 7.99 -16.73 11.87
CA VAL A 68 7.08 -15.98 11.03
C VAL A 68 5.78 -15.62 11.76
N VAL A 69 5.57 -16.17 12.96
CA VAL A 69 4.41 -15.81 13.76
C VAL A 69 4.79 -14.98 14.97
N LEU A 70 6.09 -14.78 15.24
CA LEU A 70 6.50 -14.02 16.41
C LEU A 70 7.42 -12.85 16.07
N ARG A 71 8.33 -13.02 15.13
CA ARG A 71 9.31 -11.98 14.81
C ARG A 71 9.08 -11.31 13.47
N HIS A 72 8.77 -12.08 12.42
CA HIS A 72 8.58 -11.55 11.08
C HIS A 72 7.14 -11.75 10.61
N THR A 73 6.18 -11.48 11.49
CA THR A 73 4.78 -11.60 11.11
C THR A 73 4.38 -10.46 10.18
N ALA A 74 3.42 -10.75 9.29
CA ALA A 74 2.97 -9.76 8.33
C ALA A 74 2.03 -8.74 8.98
N SER A 75 0.96 -9.22 9.61
CA SER A 75 -0.01 -8.35 10.27
C SER A 75 -0.79 -9.13 11.32
N PRO A 76 -0.90 -8.62 12.54
CA PRO A 76 -1.65 -9.34 13.58
C PRO A 76 -3.13 -9.44 13.22
N SER A 77 -3.62 -10.67 13.12
CA SER A 77 -5.00 -10.93 12.77
C SER A 77 -5.44 -12.24 13.41
N VAL A 78 -6.69 -12.63 13.15
CA VAL A 78 -7.22 -13.86 13.70
C VAL A 78 -6.49 -15.07 13.11
N THR A 79 -6.18 -15.01 11.82
CA THR A 79 -5.45 -16.10 11.18
C THR A 79 -4.08 -16.30 11.81
N ASN A 80 -3.40 -15.20 12.13
CA ASN A 80 -2.09 -15.30 12.76
C ASN A 80 -2.17 -15.93 14.14
N VAL A 81 -3.18 -15.57 14.92
CA VAL A 81 -3.35 -16.15 16.25
C VAL A 81 -3.67 -17.65 16.13
N TYR A 82 -4.51 -18.02 15.16
CA TYR A 82 -4.82 -19.43 14.97
C TYR A 82 -3.59 -20.22 14.53
N ILE A 83 -2.77 -19.63 13.66
CA ILE A 83 -1.54 -20.29 13.24
C ILE A 83 -0.58 -20.45 14.41
N LEU A 84 -0.49 -19.43 15.27
CA LEU A 84 0.35 -19.52 16.45
C LEU A 84 -0.13 -20.64 17.39
N ASN A 85 -1.44 -20.72 17.61
CA ASN A 85 -1.98 -21.77 18.48
C ASN A 85 -1.74 -23.15 17.87
N LEU A 86 -1.93 -23.29 16.56
CA LEU A 86 -1.69 -24.57 15.91
C LEU A 86 -0.23 -24.97 15.98
N ALA A 87 0.68 -24.01 15.82
CA ALA A 87 2.10 -24.30 15.91
C ALA A 87 2.49 -24.71 17.32
N LEU A 88 1.95 -24.04 18.33
CA LEU A 88 2.22 -24.43 19.71
C LEU A 88 1.68 -25.83 19.99
N ALA A 89 0.47 -26.14 19.51
CA ALA A 89 -0.09 -27.47 19.70
C ALA A 89 0.75 -28.53 19.01
N ASP A 90 1.23 -28.24 17.81
CA ASP A 90 2.06 -29.21 17.09
C ASP A 90 3.40 -29.41 17.79
N GLU A 91 3.99 -28.33 18.32
CA GLU A 91 5.23 -28.47 19.08
C GLU A 91 5.02 -29.33 20.31
N LEU A 92 3.94 -29.07 21.06
CA LEU A 92 3.67 -29.85 22.26
C LEU A 92 3.34 -31.29 21.93
N PHE A 93 2.75 -31.55 20.76
CA PHE A 93 2.45 -32.91 20.35
C PHE A 93 3.68 -33.66 19.87
N MET A 94 4.62 -32.95 19.24
CA MET A 94 5.81 -33.61 18.72
C MET A 94 6.89 -33.81 19.78
N LEU A 95 6.92 -32.95 20.81
CA LEU A 95 7.93 -33.14 21.85
C LEU A 95 7.73 -34.42 22.66
N GLY A 96 6.57 -35.06 22.54
CA GLY A 96 6.31 -36.32 23.23
C GLY A 96 6.75 -37.56 22.47
N LEU A 97 7.04 -37.42 21.17
CA LEU A 97 7.50 -38.57 20.39
C LEU A 97 8.78 -39.20 20.91
N PRO A 98 9.77 -38.45 21.42
CA PRO A 98 10.93 -39.13 22.03
C PRO A 98 10.56 -40.10 23.14
N PHE A 99 9.49 -39.83 23.90
CA PHE A 99 9.06 -40.77 24.92
C PHE A 99 8.60 -42.08 24.31
N LEU A 100 7.78 -42.01 23.25
CA LEU A 100 7.35 -43.23 22.57
C LEU A 100 8.53 -43.97 21.95
N ALA A 101 9.50 -43.23 21.41
CA ALA A 101 10.66 -43.87 20.82
C ALA A 101 11.49 -44.58 21.87
N ALA A 102 11.66 -43.97 23.04
CA ALA A 102 12.41 -44.61 24.13
C ALA A 102 11.65 -45.82 24.67
N GLN A 103 10.32 -45.75 24.74
CA GLN A 103 9.54 -46.88 25.19
C GLN A 103 9.60 -48.04 24.21
N ASN A 104 9.62 -47.75 22.91
CA ASN A 104 9.69 -48.81 21.90
C ASN A 104 11.09 -49.39 21.78
N ALA A 105 12.12 -48.58 22.03
CA ALA A 105 13.50 -49.07 21.94
C ALA A 105 13.82 -50.01 23.09
N LEU A 106 13.52 -49.58 24.32
CA LEU A 106 13.79 -50.38 25.50
C LEU A 106 12.63 -51.34 25.78
N SER A 107 12.87 -52.27 26.71
CA SER A 107 11.87 -53.25 27.09
C SER A 107 11.11 -52.87 28.35
N TYR A 108 11.32 -51.66 28.87
CA TYR A 108 10.64 -51.22 30.07
C TYR A 108 10.62 -49.70 30.10
N TRP A 109 9.81 -49.15 31.00
CA TRP A 109 9.62 -47.71 31.13
C TRP A 109 10.27 -47.23 32.43
N PRO A 110 11.49 -46.69 32.38
CA PRO A 110 12.16 -46.29 33.63
C PRO A 110 11.70 -44.95 34.18
N PHE A 111 10.84 -44.21 33.48
CA PHE A 111 10.45 -42.88 33.92
C PHE A 111 9.41 -42.90 35.04
N GLY A 112 8.72 -44.01 35.26
CA GLY A 112 7.77 -44.13 36.34
C GLY A 112 6.33 -43.95 35.91
N SER A 113 5.43 -44.41 36.78
CA SER A 113 4.00 -44.33 36.47
C SER A 113 3.49 -42.90 36.46
N LEU A 114 4.02 -42.05 37.35
CA LEU A 114 3.62 -40.65 37.37
C LEU A 114 4.00 -39.96 36.07
N MET A 115 5.25 -40.17 35.62
CA MET A 115 5.67 -39.59 34.35
C MET A 115 4.90 -40.17 33.19
N CYS A 116 4.56 -41.46 33.24
CA CYS A 116 3.74 -42.06 32.19
C CYS A 116 2.37 -41.39 32.11
N ARG A 117 1.73 -41.20 33.27
CA ARG A 117 0.43 -40.53 33.30
C ARG A 117 0.54 -39.12 32.77
N LEU A 118 1.57 -38.38 33.19
CA LEU A 118 1.74 -37.01 32.71
C LEU A 118 1.93 -36.96 31.20
N VAL A 119 2.75 -37.85 30.67
CA VAL A 119 3.00 -37.87 29.23
C VAL A 119 1.74 -38.23 28.46
N MET A 120 0.98 -39.22 28.94
CA MET A 120 -0.25 -39.60 28.27
C MET A 120 -1.26 -38.45 28.29
N ALA A 121 -1.41 -37.78 29.43
CA ALA A 121 -2.34 -36.67 29.52
C ALA A 121 -1.93 -35.53 28.59
N VAL A 122 -0.63 -35.24 28.58
CA VAL A 122 -0.14 -34.27 27.65
C VAL A 122 -0.30 -34.75 26.20
N ASP A 123 -0.32 -36.04 25.90
CA ASP A 123 -0.49 -36.40 24.53
C ASP A 123 -1.89 -36.09 24.24
N GLY A 124 -2.79 -36.63 25.00
CA GLY A 124 -4.17 -36.44 24.72
C GLY A 124 -4.51 -35.00 24.53
N ILE A 125 -4.06 -34.15 25.41
CA ILE A 125 -4.43 -32.74 25.37
C ILE A 125 -3.95 -32.11 24.07
N ASN A 126 -2.71 -32.41 23.67
CA ASN A 126 -2.16 -31.82 22.46
C ASN A 126 -2.91 -32.32 21.21
N GLN A 127 -3.09 -33.62 21.14
CA GLN A 127 -3.90 -34.19 20.09
C GLN A 127 -5.29 -33.55 19.97
N PHE A 128 -6.10 -33.45 21.00
CA PHE A 128 -7.41 -32.83 20.96
C PHE A 128 -7.31 -31.34 20.63
N THR A 129 -6.29 -30.65 21.15
CA THR A 129 -6.12 -29.23 20.88
C THR A 129 -5.81 -28.99 19.40
N SER A 130 -4.96 -29.84 18.80
CA SER A 130 -4.66 -29.69 17.39
C SER A 130 -5.90 -29.95 16.54
N ILE A 131 -6.67 -30.99 16.88
CA ILE A 131 -7.88 -31.28 16.13
C ILE A 131 -8.88 -30.13 16.23
N PHE A 132 -9.11 -29.62 17.44
CA PHE A 132 -10.03 -28.50 17.63
C PHE A 132 -9.54 -27.22 16.98
N CYS A 133 -8.22 -26.97 16.96
CA CYS A 133 -7.70 -25.81 16.27
C CYS A 133 -7.85 -25.91 14.76
N LEU A 134 -7.68 -27.11 14.19
CA LEU A 134 -7.97 -27.28 12.78
C LEU A 134 -9.46 -27.04 12.49
N THR A 135 -10.34 -27.55 13.35
CA THR A 135 -11.77 -27.31 13.18
C THR A 135 -12.09 -25.81 13.26
N VAL A 136 -11.48 -25.10 14.20
CA VAL A 136 -11.74 -23.67 14.36
C VAL A 136 -11.19 -22.90 13.18
N MET A 137 -10.03 -23.31 12.65
CA MET A 137 -9.49 -22.68 11.45
C MET A 137 -10.44 -22.87 10.27
N SER A 138 -11.00 -24.07 10.12
CA SER A 138 -11.95 -24.31 9.04
C SER A 138 -13.20 -23.45 9.21
N VAL A 139 -13.71 -23.36 10.43
CA VAL A 139 -14.91 -22.55 10.68
C VAL A 139 -14.62 -21.08 10.39
N ASP A 140 -13.44 -20.60 10.78
CA ASP A 140 -13.09 -19.20 10.54
C ASP A 140 -12.95 -18.92 9.04
N ARG A 141 -12.33 -19.84 8.30
CA ARG A 141 -12.23 -19.68 6.86
C ARG A 141 -13.61 -19.67 6.21
N TYR A 142 -14.50 -20.56 6.65
CA TYR A 142 -15.86 -20.57 6.14
C TYR A 142 -16.57 -19.25 6.39
N LEU A 143 -16.46 -18.74 7.63
CA LEU A 143 -17.14 -17.50 7.98
C LEU A 143 -16.53 -16.31 7.23
N ALA A 144 -15.23 -16.34 6.94
CA ALA A 144 -14.59 -15.23 6.24
C ALA A 144 -14.89 -15.26 4.76
N VAL A 145 -15.06 -16.44 4.18
CA VAL A 145 -15.31 -16.54 2.74
C VAL A 145 -16.79 -16.34 2.42
N VAL A 146 -17.66 -17.00 3.18
CA VAL A 146 -19.08 -16.99 2.82
C VAL A 146 -19.77 -15.73 3.31
N HIS A 147 -19.57 -15.37 4.58
CA HIS A 147 -20.25 -14.21 5.19
C HIS A 147 -19.19 -13.24 5.69
N PRO A 148 -18.58 -12.46 4.79
CA PRO A 148 -17.53 -11.52 5.24
C PRO A 148 -18.04 -10.44 6.17
N THR A 149 -19.10 -9.73 5.78
CA THR A 149 -19.60 -8.63 6.59
C THR A 149 -20.19 -9.14 7.90
N ARG A 150 -20.89 -10.28 7.86
CA ARG A 150 -21.48 -10.82 9.08
C ARG A 150 -20.41 -11.29 10.05
N SER A 151 -19.36 -11.96 9.55
CA SER A 151 -18.30 -12.46 10.42
C SER A 151 -17.37 -11.35 10.88
N ALA A 152 -17.29 -10.24 10.15
CA ALA A 152 -16.40 -9.15 10.54
C ALA A 152 -16.84 -8.47 11.83
N ARG A 153 -18.04 -8.76 12.32
CA ARG A 153 -18.51 -8.14 13.56
C ARG A 153 -17.75 -8.64 14.77
N TRP A 154 -17.33 -9.90 14.76
CA TRP A 154 -16.63 -10.49 15.90
C TRP A 154 -15.30 -11.13 15.54
N ARG A 155 -14.84 -11.02 14.29
CA ARG A 155 -13.57 -11.62 13.87
C ARG A 155 -12.44 -10.69 14.28
N THR A 156 -12.07 -10.76 15.55
CA THR A 156 -11.01 -9.94 16.12
C THR A 156 -10.05 -10.83 16.90
N ALA A 157 -8.95 -10.21 17.36
CA ALA A 157 -7.90 -10.91 18.10
C ALA A 157 -8.36 -11.33 19.50
N PRO A 158 -9.05 -10.48 20.27
CA PRO A 158 -9.53 -10.96 21.58
C PRO A 158 -10.51 -12.12 21.46
N VAL A 159 -11.40 -12.09 20.46
CA VAL A 159 -12.31 -13.21 20.26
C VAL A 159 -11.55 -14.47 19.87
N ALA A 160 -10.48 -14.31 19.07
CA ALA A 160 -9.65 -15.46 18.71
C ALA A 160 -8.98 -16.06 19.95
N ARG A 161 -8.45 -15.20 20.83
CA ARG A 161 -7.82 -15.70 22.05
C ARG A 161 -8.84 -16.37 22.95
N THR A 162 -10.06 -15.83 23.02
CA THR A 162 -11.11 -16.46 23.82
C THR A 162 -11.48 -17.83 23.26
N VAL A 163 -11.58 -17.94 21.93
CA VAL A 163 -11.88 -19.22 21.30
C VAL A 163 -10.76 -20.22 21.55
N SER A 164 -9.51 -19.76 21.50
CA SER A 164 -8.38 -20.66 21.80
C SER A 164 -8.41 -21.13 23.25
N ALA A 165 -8.72 -20.22 24.19
CA ALA A 165 -8.83 -20.61 25.58
C ALA A 165 -9.96 -21.61 25.80
N ALA A 166 -11.09 -21.39 25.13
CA ALA A 166 -12.20 -22.34 25.22
C ALA A 166 -11.82 -23.70 24.63
N VAL A 167 -11.04 -23.69 23.56
CA VAL A 167 -10.57 -24.94 22.95
C VAL A 167 -9.68 -25.70 23.94
N TRP A 168 -8.75 -24.98 24.59
CA TRP A 168 -7.89 -25.62 25.57
C TRP A 168 -8.70 -26.16 26.76
N VAL A 169 -9.69 -25.40 27.20
CA VAL A 169 -10.53 -25.86 28.32
C VAL A 169 -11.31 -27.11 27.94
N ALA A 170 -11.85 -27.13 26.72
CA ALA A 170 -12.59 -28.31 26.26
C ALA A 170 -11.68 -29.51 26.13
N SER A 171 -10.46 -29.30 25.64
CA SER A 171 -9.49 -30.39 25.55
C SER A 171 -9.16 -30.94 26.93
N ALA A 172 -8.97 -30.06 27.91
CA ALA A 172 -8.73 -30.51 29.27
C ALA A 172 -9.91 -31.31 29.80
N VAL A 173 -11.13 -30.82 29.57
CA VAL A 173 -12.32 -31.48 30.09
C VAL A 173 -12.53 -32.84 29.44
N VAL A 174 -12.11 -33.00 28.17
CA VAL A 174 -12.29 -34.29 27.50
C VAL A 174 -11.11 -35.23 27.69
N VAL A 175 -9.96 -34.74 28.17
CA VAL A 175 -8.79 -35.59 28.37
C VAL A 175 -8.61 -35.98 29.83
N LEU A 176 -8.54 -35.00 30.74
CA LEU A 176 -8.14 -35.29 32.12
C LEU A 176 -9.12 -36.20 32.85
N PRO A 177 -10.44 -35.98 32.82
CA PRO A 177 -11.34 -36.91 33.50
C PRO A 177 -11.26 -38.33 32.96
N VAL A 178 -10.84 -38.52 31.71
CA VAL A 178 -10.70 -39.86 31.17
C VAL A 178 -9.43 -40.53 31.67
N VAL A 179 -8.35 -39.77 31.79
CA VAL A 179 -7.07 -40.37 32.19
C VAL A 179 -6.99 -40.54 33.71
N VAL A 180 -7.75 -39.76 34.48
CA VAL A 180 -7.69 -39.93 35.94
C VAL A 180 -8.50 -41.13 36.41
N PHE A 181 -9.40 -41.65 35.58
CA PHE A 181 -10.21 -42.80 35.98
C PHE A 181 -9.52 -44.13 35.70
N SER A 182 -8.81 -44.22 34.58
CA SER A 182 -8.13 -45.47 34.23
C SER A 182 -6.83 -45.59 35.02
N GLY A 183 -6.57 -46.79 35.54
CA GLY A 183 -5.36 -47.07 36.27
C GLY A 183 -4.18 -47.35 35.34
N VAL A 184 -3.09 -47.77 35.95
CA VAL A 184 -1.86 -48.06 35.20
C VAL A 184 -1.50 -49.53 35.39
N PRO A 185 -1.83 -50.40 34.42
CA PRO A 185 -1.39 -51.80 34.49
C PRO A 185 0.08 -51.92 34.12
N ARG A 186 0.92 -52.15 35.12
CA ARG A 186 2.38 -52.14 34.91
C ARG A 186 2.90 -53.55 34.64
N GLY A 187 2.64 -54.47 35.57
CA GLY A 187 3.22 -55.80 35.51
C GLY A 187 4.66 -55.76 35.97
N MET A 188 5.57 -55.38 35.08
CA MET A 188 6.92 -55.01 35.48
C MET A 188 7.21 -53.55 35.19
N SER A 189 7.06 -53.10 33.94
CA SER A 189 7.21 -51.69 33.58
C SER A 189 6.66 -51.51 32.18
N THR A 190 5.60 -50.72 32.05
CA THR A 190 5.01 -50.46 30.73
C THR A 190 4.06 -49.28 30.85
N CYS A 191 3.56 -48.84 29.70
CA CYS A 191 2.65 -47.70 29.61
C CYS A 191 1.34 -48.16 29.01
N HIS A 192 0.30 -48.28 29.84
CA HIS A 192 -1.01 -48.68 29.36
C HIS A 192 -2.12 -48.05 30.19
N MET A 193 -3.36 -48.52 30.01
CA MET A 193 -4.50 -47.99 30.74
C MET A 193 -5.31 -49.17 31.27
N GLN A 194 -5.74 -49.06 32.53
CA GLN A 194 -6.48 -50.12 33.21
C GLN A 194 -7.97 -49.80 33.15
N TRP A 195 -8.76 -50.76 32.67
CA TRP A 195 -10.20 -50.58 32.57
C TRP A 195 -10.89 -51.32 33.71
N PRO A 196 -12.18 -51.05 33.97
CA PRO A 196 -12.89 -51.81 35.02
C PRO A 196 -13.06 -53.28 34.66
N GLU A 197 -13.78 -54.02 35.51
CA GLU A 197 -13.99 -55.46 35.34
C GLU A 197 -14.43 -55.81 33.91
N PRO A 198 -15.35 -55.06 33.28
CA PRO A 198 -15.56 -55.25 31.84
C PRO A 198 -14.43 -54.63 31.03
N ALA A 199 -13.29 -55.30 30.99
CA ALA A 199 -12.11 -54.73 30.33
C ALA A 199 -12.34 -54.52 28.85
N ALA A 200 -12.80 -55.56 28.14
CA ALA A 200 -13.02 -55.44 26.70
C ALA A 200 -14.13 -54.44 26.40
N ALA A 201 -15.21 -54.46 27.19
CA ALA A 201 -16.32 -53.55 26.95
C ALA A 201 -15.90 -52.09 27.14
N TRP A 202 -15.22 -51.80 28.25
CA TRP A 202 -14.78 -50.43 28.49
C TRP A 202 -13.73 -49.99 27.49
N ARG A 203 -12.85 -50.91 27.07
CA ARG A 203 -11.86 -50.57 26.05
C ARG A 203 -12.52 -50.23 24.73
N ALA A 204 -13.51 -51.03 24.30
CA ALA A 204 -14.22 -50.73 23.07
C ALA A 204 -14.99 -49.43 23.18
N GLY A 205 -15.59 -49.16 24.35
CA GLY A 205 -16.29 -47.91 24.55
C GLY A 205 -15.38 -46.71 24.44
N PHE A 206 -14.20 -46.78 25.08
CA PHE A 206 -13.24 -45.69 24.99
C PHE A 206 -12.74 -45.51 23.55
N ILE A 207 -12.52 -46.62 22.84
CA ILE A 207 -12.07 -46.53 21.46
C ILE A 207 -13.12 -45.85 20.60
N ILE A 208 -14.38 -46.26 20.74
CA ILE A 208 -15.47 -45.63 19.99
C ILE A 208 -15.57 -44.15 20.33
N TYR A 209 -15.46 -43.82 21.62
CA TYR A 209 -15.56 -42.42 22.05
C TYR A 209 -14.47 -41.56 21.41
N THR A 210 -13.21 -41.99 21.52
CA THR A 210 -12.12 -41.20 20.98
C THR A 210 -12.16 -41.14 19.45
N ALA A 211 -12.51 -42.26 18.80
CA ALA A 211 -12.61 -42.26 17.34
C ALA A 211 -13.69 -41.31 16.88
N ALA A 212 -14.86 -41.34 17.53
CA ALA A 212 -15.93 -40.41 17.20
C ALA A 212 -15.46 -38.97 17.35
N LEU A 213 -15.08 -38.59 18.57
CA LEU A 213 -14.73 -37.20 18.85
C LEU A 213 -13.47 -36.73 18.14
N GLY A 214 -12.71 -37.64 17.52
CA GLY A 214 -11.54 -37.21 16.78
C GLY A 214 -11.70 -37.23 15.27
N PHE A 215 -12.67 -38.01 14.77
CA PHE A 215 -12.82 -38.18 13.33
C PHE A 215 -14.15 -37.71 12.79
N PHE A 216 -15.26 -38.04 13.46
CA PHE A 216 -16.58 -37.82 12.87
C PHE A 216 -16.92 -36.34 12.80
N GLY A 217 -17.01 -35.68 13.96
CA GLY A 217 -17.40 -34.30 14.02
C GLY A 217 -16.47 -33.34 13.29
N PRO A 218 -15.19 -33.32 13.68
CA PRO A 218 -14.25 -32.39 13.03
C PRO A 218 -14.16 -32.55 11.52
N LEU A 219 -14.04 -33.78 11.02
CA LEU A 219 -13.95 -33.98 9.57
C LEU A 219 -15.28 -33.64 8.90
N LEU A 220 -16.40 -33.86 9.57
CA LEU A 220 -17.68 -33.46 9.00
C LEU A 220 -17.76 -31.95 8.83
N VAL A 221 -17.33 -31.20 9.84
CA VAL A 221 -17.30 -29.75 9.74
C VAL A 221 -16.34 -29.31 8.65
N ILE A 222 -15.17 -29.97 8.58
CA ILE A 222 -14.19 -29.66 7.52
C ILE A 222 -14.83 -29.82 6.15
N CYS A 223 -15.47 -30.97 5.92
CA CYS A 223 -16.05 -31.25 4.61
C CYS A 223 -17.18 -30.27 4.28
N LEU A 224 -18.04 -29.98 5.26
CA LEU A 224 -19.13 -29.05 5.01
C LEU A 224 -18.62 -27.66 4.65
N CYS A 225 -17.67 -27.15 5.45
CA CYS A 225 -17.14 -25.81 5.19
C CYS A 225 -16.43 -25.76 3.84
N TYR A 226 -15.61 -26.77 3.53
CA TYR A 226 -14.89 -26.77 2.27
C TYR A 226 -15.83 -26.90 1.08
N LEU A 227 -16.87 -27.71 1.20
CA LEU A 227 -17.83 -27.84 0.12
C LEU A 227 -18.60 -26.55 -0.11
N LEU A 228 -19.00 -25.88 0.97
CA LEU A 228 -19.70 -24.60 0.80
C LEU A 228 -18.79 -23.55 0.19
N ILE A 229 -17.50 -23.53 0.60
CA ILE A 229 -16.56 -22.57 0.02
C ILE A 229 -16.36 -22.85 -1.47
N VAL A 230 -16.23 -24.13 -1.83
CA VAL A 230 -16.02 -24.48 -3.24
C VAL A 230 -17.25 -24.12 -4.06
N VAL A 231 -18.44 -24.37 -3.53
CA VAL A 231 -19.67 -24.02 -4.24
C VAL A 231 -19.75 -22.51 -4.44
N LYS A 232 -19.46 -21.73 -3.39
CA LYS A 232 -19.48 -20.28 -3.52
C LYS A 232 -18.46 -19.77 -4.53
N VAL A 233 -17.25 -20.33 -4.52
CA VAL A 233 -16.22 -19.88 -5.46
C VAL A 233 -16.62 -20.22 -6.89
N ARG A 234 -17.16 -21.43 -7.12
CA ARG A 234 -17.60 -21.80 -8.46
C ARG A 234 -18.74 -20.91 -8.93
N SER A 235 -19.70 -20.64 -8.06
CA SER A 235 -20.81 -19.76 -8.44
C SER A 235 -20.32 -18.36 -8.78
N ALA A 236 -19.44 -17.80 -7.95
CA ALA A 236 -18.90 -16.47 -8.22
C ALA A 236 -18.13 -16.45 -9.53
N GLY A 237 -17.30 -17.47 -9.79
CA GLY A 237 -16.55 -17.51 -11.03
C GLY A 237 -17.44 -17.63 -12.25
N ARG A 238 -18.51 -18.42 -12.14
CA ARG A 238 -19.44 -18.52 -13.27
C ARG A 238 -20.24 -17.24 -13.45
N ARG A 239 -20.41 -16.46 -12.38
CA ARG A 239 -21.25 -15.26 -12.48
C ARG A 239 -20.48 -14.05 -13.00
N VAL A 240 -19.34 -13.73 -12.39
CA VAL A 240 -18.72 -12.42 -12.60
C VAL A 240 -18.28 -12.21 -14.05
N TRP A 241 -17.32 -12.99 -14.53
CA TRP A 241 -16.83 -12.86 -15.90
C TRP A 241 -15.95 -14.05 -16.28
N ALA A 242 -16.29 -14.66 -17.41
CA ALA A 242 -15.60 -15.84 -17.92
C ALA A 242 -14.33 -15.54 -18.73
N PRO A 243 -14.40 -14.71 -19.80
CA PRO A 243 -13.32 -14.70 -20.79
C PRO A 243 -11.94 -14.37 -20.26
N SER A 244 -11.78 -13.20 -19.64
CA SER A 244 -10.47 -12.70 -19.23
C SER A 244 -10.04 -13.20 -17.87
N CYS A 245 -10.64 -14.28 -17.38
CA CYS A 245 -10.30 -14.81 -16.06
C CYS A 245 -9.04 -15.66 -16.12
N GLN A 246 -8.48 -15.84 -17.33
CA GLN A 246 -7.27 -16.62 -17.55
C GLN A 246 -7.46 -18.06 -17.03
N ARG A 247 -8.41 -18.74 -17.67
CA ARG A 247 -8.75 -20.12 -17.31
C ARG A 247 -9.22 -20.20 -15.86
N ARG A 248 -10.42 -19.66 -15.59
CA ARG A 248 -10.99 -19.72 -14.24
C ARG A 248 -10.95 -21.14 -13.67
N ARG A 249 -10.92 -22.16 -14.54
CA ARG A 249 -10.63 -23.51 -14.08
C ARG A 249 -9.34 -23.55 -13.27
N ARG A 250 -8.28 -22.93 -13.79
CA ARG A 250 -7.02 -22.85 -13.05
C ARG A 250 -7.13 -21.93 -11.83
N SER A 251 -8.01 -20.92 -11.88
CA SER A 251 -8.17 -20.04 -10.72
C SER A 251 -8.81 -20.77 -9.56
N GLU A 252 -9.72 -21.71 -9.83
CA GLU A 252 -10.34 -22.52 -8.80
C GLU A 252 -9.57 -23.79 -8.50
N ARG A 253 -8.65 -24.20 -9.39
CA ARG A 253 -7.91 -25.43 -9.18
C ARG A 253 -7.00 -25.34 -7.97
N ARG A 254 -6.48 -24.16 -7.67
CA ARG A 254 -5.64 -24.00 -6.49
C ARG A 254 -6.41 -24.34 -5.22
N VAL A 255 -7.58 -23.73 -5.03
CA VAL A 255 -8.39 -24.00 -3.84
C VAL A 255 -8.85 -25.45 -3.85
N THR A 256 -9.21 -25.98 -5.03
CA THR A 256 -9.68 -27.36 -5.10
C THR A 256 -8.57 -28.33 -4.67
N ARG A 257 -7.35 -28.13 -5.17
CA ARG A 257 -6.25 -29.02 -4.82
C ARG A 257 -5.88 -28.86 -3.35
N MET A 258 -5.94 -27.63 -2.82
CA MET A 258 -5.66 -27.45 -1.40
C MET A 258 -6.67 -28.21 -0.54
N VAL A 259 -7.96 -28.09 -0.87
CA VAL A 259 -8.99 -28.79 -0.11
C VAL A 259 -8.80 -30.31 -0.22
N VAL A 260 -8.55 -30.79 -1.44
CA VAL A 260 -8.39 -32.22 -1.65
C VAL A 260 -7.19 -32.75 -0.87
N ALA A 261 -6.08 -32.02 -0.90
CA ALA A 261 -4.89 -32.45 -0.19
C ALA A 261 -5.11 -32.47 1.31
N VAL A 262 -5.75 -31.41 1.85
CA VAL A 262 -6.01 -31.37 3.28
C VAL A 262 -6.90 -32.53 3.70
N VAL A 263 -7.98 -32.78 2.95
CA VAL A 263 -8.90 -33.85 3.32
C VAL A 263 -8.21 -35.21 3.21
N ALA A 264 -7.44 -35.42 2.14
CA ALA A 264 -6.78 -36.70 1.94
C ALA A 264 -5.75 -36.97 3.03
N LEU A 265 -4.96 -35.95 3.39
CA LEU A 265 -3.97 -36.13 4.45
C LEU A 265 -4.65 -36.40 5.78
N PHE A 266 -5.70 -35.63 6.11
CA PHE A 266 -6.43 -35.87 7.35
C PHE A 266 -6.97 -37.30 7.40
N VAL A 267 -7.54 -37.76 6.30
CA VAL A 267 -8.07 -39.13 6.26
C VAL A 267 -6.95 -40.14 6.47
N LEU A 268 -5.95 -40.13 5.59
CA LEU A 268 -4.89 -41.12 5.66
C LEU A 268 -4.06 -41.03 6.93
N CYS A 269 -4.18 -39.96 7.70
CA CYS A 269 -3.46 -39.87 8.97
C CYS A 269 -4.30 -40.20 10.18
N TRP A 270 -5.63 -40.04 10.13
CA TRP A 270 -6.46 -40.29 11.29
C TRP A 270 -7.30 -41.56 11.17
N MET A 271 -7.91 -41.81 10.01
CA MET A 271 -8.80 -42.97 9.89
C MET A 271 -8.10 -44.30 10.11
N PRO A 272 -6.97 -44.61 9.45
CA PRO A 272 -6.40 -45.95 9.63
C PRO A 272 -5.94 -46.25 11.05
N PHE A 273 -5.53 -45.23 11.81
CA PHE A 273 -5.14 -45.44 13.20
C PHE A 273 -6.31 -45.98 14.02
N TYR A 274 -7.44 -45.27 13.99
CA TYR A 274 -8.61 -45.73 14.73
C TYR A 274 -9.17 -47.03 14.17
N VAL A 275 -9.07 -47.24 12.86
CA VAL A 275 -9.54 -48.49 12.27
C VAL A 275 -8.72 -49.66 12.81
N LEU A 276 -7.40 -49.52 12.82
CA LEU A 276 -6.53 -50.56 13.39
C LEU A 276 -6.83 -50.76 14.86
N ASN A 277 -7.06 -49.68 15.61
CA ASN A 277 -7.35 -49.79 17.02
C ASN A 277 -8.63 -50.59 17.25
N ILE A 278 -9.70 -50.28 16.49
CA ILE A 278 -10.97 -50.95 16.72
C ILE A 278 -10.93 -52.40 16.25
N VAL A 279 -10.22 -52.69 15.16
CA VAL A 279 -10.14 -54.07 14.70
C VAL A 279 -9.20 -54.90 15.59
N ASN A 280 -8.30 -54.24 16.32
CA ASN A 280 -7.50 -54.97 17.30
C ASN A 280 -8.28 -55.18 18.60
N VAL A 281 -9.14 -54.23 18.97
CA VAL A 281 -9.97 -54.40 20.16
C VAL A 281 -10.99 -55.50 19.95
N VAL A 282 -11.73 -55.45 18.83
CA VAL A 282 -12.74 -56.47 18.57
C VAL A 282 -12.13 -57.80 18.13
N CYS A 283 -10.88 -57.80 17.66
CA CYS A 283 -10.23 -59.03 17.22
C CYS A 283 -8.76 -59.00 17.61
N PRO A 284 -8.35 -59.80 18.60
CA PRO A 284 -6.94 -59.83 19.01
C PRO A 284 -6.05 -60.34 17.88
N LEU A 285 -5.12 -59.50 17.45
CA LEU A 285 -4.22 -59.86 16.36
C LEU A 285 -3.13 -60.80 16.88
N PRO A 286 -2.71 -61.79 16.10
CA PRO A 286 -1.66 -62.71 16.54
C PRO A 286 -0.31 -62.03 16.58
N GLU A 287 0.64 -62.70 17.23
CA GLU A 287 1.99 -62.18 17.34
C GLU A 287 2.69 -62.25 15.99
N GLU A 288 3.10 -61.10 15.46
CA GLU A 288 3.76 -61.03 14.17
C GLU A 288 4.68 -59.80 14.16
N PRO A 289 5.92 -59.96 13.69
CA PRO A 289 6.82 -58.80 13.64
C PRO A 289 6.33 -57.68 12.74
N ALA A 290 5.62 -58.02 11.65
CA ALA A 290 5.11 -56.98 10.76
C ALA A 290 4.02 -56.16 11.42
N PHE A 291 3.29 -56.74 12.38
CA PHE A 291 2.27 -55.98 13.09
C PHE A 291 2.89 -54.89 13.95
N PHE A 292 4.10 -55.10 14.46
CA PHE A 292 4.79 -54.04 15.19
C PHE A 292 5.08 -52.85 14.29
N GLY A 293 5.58 -53.11 13.08
CA GLY A 293 5.82 -52.03 12.15
C GLY A 293 4.55 -51.34 11.70
N LEU A 294 3.48 -52.12 11.54
CA LEU A 294 2.19 -51.53 11.18
C LEU A 294 1.67 -50.63 12.29
N TYR A 295 1.92 -51.04 13.53
CA TYR A 295 1.47 -50.26 14.65
C TYR A 295 2.29 -49.02 14.76
N PHE A 296 3.57 -49.08 14.49
CA PHE A 296 4.44 -47.91 14.48
C PHE A 296 4.02 -46.93 13.39
N LEU A 297 3.66 -47.45 12.21
CA LEU A 297 3.26 -46.58 11.11
C LEU A 297 1.94 -45.88 11.41
N VAL A 298 0.95 -46.62 11.91
CA VAL A 298 -0.35 -46.00 12.20
C VAL A 298 -0.27 -45.06 13.39
N VAL A 299 0.73 -45.22 14.26
CA VAL A 299 0.92 -44.26 15.34
C VAL A 299 1.67 -43.02 14.84
N ALA A 300 2.61 -43.20 13.91
CA ALA A 300 3.35 -42.06 13.36
C ALA A 300 2.53 -41.25 12.37
N LEU A 301 1.48 -41.83 11.79
CA LEU A 301 0.64 -41.06 10.86
C LEU A 301 0.04 -39.80 11.49
N PRO A 302 -0.48 -39.82 12.73
CA PRO A 302 -0.85 -38.54 13.37
C PRO A 302 0.34 -37.59 13.52
N TYR A 303 1.50 -38.09 13.63
CA TYR A 303 2.58 -37.24 13.86
C TYR A 303 2.90 -36.71 12.51
N ALA A 304 2.81 -37.53 11.46
CA ALA A 304 3.04 -37.03 10.10
C ALA A 304 2.07 -35.90 9.77
N ASN A 305 0.81 -36.02 10.20
CA ASN A 305 -0.13 -34.93 9.99
C ASN A 305 0.27 -33.68 10.77
N SER A 306 0.73 -33.87 12.01
CA SER A 306 1.16 -32.74 12.82
C SER A 306 2.39 -32.06 12.24
N CYS A 307 3.25 -32.81 11.56
CA CYS A 307 4.40 -32.21 10.89
C CYS A 307 4.02 -31.55 9.57
N ALA A 308 3.00 -32.07 8.89
CA ALA A 308 2.59 -31.50 7.61
C ALA A 308 1.71 -30.27 7.77
N ASN A 309 1.03 -30.13 8.93
CA ASN A 309 0.18 -28.97 9.14
C ASN A 309 0.93 -27.64 9.03
N PRO A 310 2.14 -27.46 9.58
CA PRO A 310 2.86 -26.20 9.34
C PRO A 310 3.21 -25.99 7.87
N ILE A 311 3.41 -27.07 7.12
CA ILE A 311 3.71 -26.92 5.70
C ILE A 311 2.47 -26.50 4.92
N LEU A 312 1.30 -27.03 5.30
CA LEU A 312 0.08 -26.72 4.58
C LEU A 312 -0.47 -25.35 4.95
N TYR A 313 -0.65 -25.09 6.24
CA TYR A 313 -1.20 -23.82 6.71
C TYR A 313 -0.14 -22.73 6.85
N GLY A 314 1.08 -23.00 6.39
CA GLY A 314 2.17 -22.05 6.55
C GLY A 314 2.64 -21.44 5.24
N PHE A 315 3.75 -21.97 4.73
CA PHE A 315 4.40 -21.39 3.55
C PHE A 315 3.46 -21.33 2.35
N LEU A 316 2.51 -22.27 2.27
CA LEU A 316 1.57 -22.30 1.16
C LEU A 316 0.61 -21.11 1.17
N SER A 317 0.51 -20.39 2.28
CA SER A 317 -0.35 -19.22 2.33
C SER A 317 0.28 -18.06 1.56
N TYR A 318 -0.56 -17.10 1.19
CA TYR A 318 -0.09 -15.95 0.41
C TYR A 318 0.72 -14.99 1.27
N ARG A 319 0.31 -14.78 2.52
CA ARG A 319 0.97 -13.84 3.42
C ARG A 319 2.45 -14.19 3.61
N PHE A 320 2.73 -15.42 4.05
CA PHE A 320 4.11 -15.82 4.29
C PHE A 320 4.91 -15.88 3.00
N LYS A 321 4.29 -16.36 1.91
CA LYS A 321 4.96 -16.43 0.62
C LYS A 321 5.37 -15.07 0.08
N GLN A 322 4.57 -14.03 0.33
CA GLN A 322 4.93 -12.68 -0.09
C GLN A 322 5.77 -11.93 0.93
N GLY A 323 5.77 -12.37 2.20
CA GLY A 323 6.63 -11.74 3.19
C GLY A 323 8.04 -12.28 3.20
N PHE A 324 8.23 -13.53 2.74
CA PHE A 324 9.57 -14.09 2.70
C PHE A 324 10.45 -13.37 1.69
N ARG A 325 9.85 -12.79 0.65
CA ARG A 325 10.62 -12.07 -0.36
C ARG A 325 11.13 -10.73 0.13
N ARG A 326 10.61 -10.22 1.25
CA ARG A 326 11.07 -8.93 1.77
C ARG A 326 12.49 -9.03 2.32
N VAL A 327 12.87 -10.20 2.83
CA VAL A 327 14.20 -10.40 3.39
C VAL A 327 15.13 -11.06 2.38
N LEU A 328 14.66 -12.10 1.70
CA LEU A 328 15.47 -12.80 0.71
C LEU A 328 15.57 -11.99 -0.59
N THR B 4 -3.31 5.70 42.67
CA THR B 4 -4.51 5.56 41.86
C THR B 4 -4.71 6.77 40.96
N LEU B 5 -5.61 6.64 39.99
CA LEU B 5 -5.89 7.72 39.05
C LEU B 5 -6.82 8.74 39.68
N SER B 6 -6.59 10.01 39.34
CA SER B 6 -7.39 11.11 39.85
C SER B 6 -8.74 11.16 39.12
N ALA B 7 -9.59 12.11 39.53
CA ALA B 7 -10.89 12.26 38.89
C ALA B 7 -10.75 12.70 37.45
N GLU B 8 -9.81 13.60 37.17
CA GLU B 8 -9.57 14.03 35.80
C GLU B 8 -9.09 12.87 34.94
N ASP B 9 -8.24 12.01 35.48
CA ASP B 9 -7.77 10.84 34.75
C ASP B 9 -8.92 9.88 34.44
N LYS B 10 -9.81 9.67 35.41
CA LYS B 10 -10.96 8.80 35.18
C LYS B 10 -11.89 9.40 34.12
N ALA B 11 -12.11 10.72 34.17
CA ALA B 11 -12.93 11.36 33.16
C ALA B 11 -12.31 11.24 31.77
N ALA B 12 -10.99 11.39 31.68
CA ALA B 12 -10.31 11.24 30.40
C ALA B 12 -10.40 9.80 29.90
N VAL B 13 -10.29 8.83 30.79
CA VAL B 13 -10.42 7.42 30.39
C VAL B 13 -11.83 7.14 29.89
N GLU B 14 -12.85 7.68 30.57
CA GLU B 14 -14.22 7.47 30.13
C GLU B 14 -14.47 8.13 28.77
N ARG B 15 -13.93 9.34 28.57
CA ARG B 15 -14.06 9.99 27.28
C ARG B 15 -13.36 9.21 26.18
N SER B 16 -12.19 8.65 26.47
CA SER B 16 -11.49 7.84 25.49
C SER B 16 -12.27 6.58 25.16
N LYS B 17 -12.89 5.96 26.16
CA LYS B 17 -13.72 4.78 25.92
C LYS B 17 -14.92 5.12 25.05
N MET B 18 -15.57 6.26 25.31
CA MET B 18 -16.69 6.67 24.48
C MET B 18 -16.24 6.94 23.05
N ILE B 19 -15.07 7.58 22.88
CA ILE B 19 -14.56 7.84 21.54
C ILE B 19 -14.23 6.54 20.82
N GLU B 20 -13.69 5.56 21.55
CA GLU B 20 -13.39 4.27 20.93
C GLU B 20 -14.68 3.54 20.53
N LYS B 21 -15.72 3.64 21.35
CA LYS B 21 -17.00 3.05 20.98
C LYS B 21 -17.57 3.70 19.74
N GLN B 22 -17.49 5.03 19.66
CA GLN B 22 -17.95 5.72 18.46
C GLN B 22 -17.14 5.32 17.23
N LEU B 23 -15.81 5.17 17.40
CA LEU B 23 -14.96 4.76 16.29
C LEU B 23 -15.31 3.35 15.83
N GLN B 24 -15.64 2.46 16.76
CA GLN B 24 -16.05 1.11 16.36
C GLN B 24 -17.40 1.13 15.65
N LYS B 25 -18.34 1.96 16.13
CA LYS B 25 -19.62 2.07 15.46
C LYS B 25 -19.47 2.63 14.04
N ASP B 26 -18.51 3.54 13.85
CA ASP B 26 -18.26 4.05 12.51
C ASP B 26 -17.52 3.03 11.65
N LYS B 27 -16.63 2.25 12.26
CA LYS B 27 -15.91 1.22 11.52
C LYS B 27 -16.84 0.13 11.02
N GLN B 28 -17.89 -0.19 11.79
CA GLN B 28 -18.87 -1.15 11.32
C GLN B 28 -19.48 -0.71 9.99
N VAL B 29 -19.92 0.54 9.91
CA VAL B 29 -20.51 1.05 8.67
C VAL B 29 -19.46 1.18 7.58
N TYR B 30 -18.22 1.55 7.94
CA TYR B 30 -17.16 1.68 6.95
C TYR B 30 -16.85 0.34 6.30
N ARG B 31 -16.85 -0.73 7.10
CA ARG B 31 -16.64 -2.06 6.55
C ARG B 31 -17.86 -2.57 5.79
N ALA B 32 -19.07 -2.17 6.22
CA ALA B 32 -20.28 -2.58 5.52
C ALA B 32 -20.45 -1.90 4.18
N THR B 33 -19.83 -0.73 3.99
CA THR B 33 -19.95 0.04 2.75
C THR B 33 -18.68 -0.11 1.92
N HIS B 34 -18.87 -0.26 0.61
CA HIS B 34 -17.77 -0.39 -0.33
C HIS B 34 -17.52 0.91 -1.06
N ARG B 35 -16.30 1.10 -1.54
CA ARG B 35 -15.87 2.32 -2.21
C ARG B 35 -15.26 1.99 -3.55
N LEU B 36 -15.68 2.71 -4.59
CA LEU B 36 -15.19 2.52 -5.94
C LEU B 36 -14.73 3.87 -6.51
N LEU B 37 -13.83 3.81 -7.49
CA LEU B 37 -13.28 5.01 -8.11
C LEU B 37 -13.63 4.99 -9.59
N LEU B 38 -14.38 5.99 -10.04
CA LEU B 38 -14.79 6.10 -11.44
C LEU B 38 -13.79 6.96 -12.20
N LEU B 39 -13.30 6.46 -13.33
CA LEU B 39 -12.35 7.17 -14.16
C LEU B 39 -12.73 7.03 -15.63
N GLY B 40 -12.32 8.00 -16.42
CA GLY B 40 -12.62 7.99 -17.84
C GLY B 40 -12.36 9.34 -18.46
N ALA B 41 -12.35 9.35 -19.79
CA ALA B 41 -12.11 10.58 -20.53
C ALA B 41 -13.34 11.48 -20.49
N ASP B 42 -13.24 12.63 -21.16
CA ASP B 42 -14.36 13.56 -21.20
C ASP B 42 -15.53 13.01 -21.99
N ASN B 43 -15.25 12.37 -23.13
CA ASN B 43 -16.27 11.79 -23.97
C ASN B 43 -16.60 10.35 -23.60
N SER B 44 -16.06 9.85 -22.49
CA SER B 44 -16.31 8.47 -22.09
C SER B 44 -17.74 8.24 -21.63
N GLY B 45 -18.46 9.30 -21.28
CA GLY B 45 -19.83 9.15 -20.82
C GLY B 45 -19.98 8.90 -19.34
N LYS B 46 -19.10 9.48 -18.51
CA LYS B 46 -19.20 9.27 -17.07
C LYS B 46 -20.45 9.93 -16.49
N SER B 47 -20.90 11.02 -17.10
CA SER B 47 -22.10 11.71 -16.60
C SER B 47 -23.34 10.84 -16.72
N THR B 48 -23.39 9.96 -17.73
CA THR B 48 -24.53 9.06 -17.88
C THR B 48 -24.51 7.97 -16.82
N ILE B 49 -23.31 7.48 -16.48
CA ILE B 49 -23.21 6.44 -15.46
C ILE B 49 -23.48 7.01 -14.07
N VAL B 50 -23.04 8.25 -13.82
CA VAL B 50 -23.33 8.88 -12.54
C VAL B 50 -24.83 9.05 -12.35
N LYS B 51 -25.55 9.38 -13.42
CA LYS B 51 -27.00 9.50 -13.37
C LYS B 51 -27.63 8.12 -13.37
N GLN B 52 -28.96 8.07 -13.49
CA GLN B 52 -29.73 6.82 -13.49
C GLN B 52 -29.50 6.02 -12.22
N MET B 53 -29.26 6.71 -11.10
CA MET B 53 -29.02 6.06 -9.81
C MET B 53 -30.36 5.72 -9.17
N ARG B 54 -30.84 4.51 -9.45
CA ARG B 54 -32.11 4.04 -8.90
C ARG B 54 -31.99 3.56 -7.45
N ILE B 55 -30.82 3.67 -6.85
CA ILE B 55 -30.57 3.25 -5.46
C ILE B 55 -30.93 1.78 -5.26
N ARG B 178 -21.13 20.99 -2.89
CA ARG B 178 -22.14 21.65 -3.71
C ARG B 178 -21.59 22.94 -4.33
N VAL B 179 -20.30 23.18 -4.14
CA VAL B 179 -19.67 24.38 -4.68
C VAL B 179 -19.33 24.16 -6.16
N LYS B 180 -19.11 25.27 -6.86
CA LYS B 180 -18.77 25.19 -8.28
C LYS B 180 -17.38 24.60 -8.48
N THR B 181 -16.46 24.84 -7.54
CA THR B 181 -15.09 24.35 -7.63
C THR B 181 -14.89 23.03 -6.90
N SER B 182 -15.93 22.20 -6.81
CA SER B 182 -15.81 20.91 -6.14
C SER B 182 -14.87 19.99 -6.92
N GLY B 183 -13.88 19.43 -6.23
CA GLY B 183 -12.90 18.57 -6.84
C GLY B 183 -13.17 17.08 -6.70
N ILE B 184 -14.24 16.69 -6.00
CA ILE B 184 -14.57 15.28 -5.82
C ILE B 184 -16.08 15.16 -5.69
N PHE B 185 -16.66 14.21 -6.42
CA PHE B 185 -18.09 13.94 -6.38
C PHE B 185 -18.32 12.52 -5.88
N GLU B 186 -19.36 12.35 -5.07
CA GLU B 186 -19.67 11.06 -4.46
C GLU B 186 -21.11 10.67 -4.80
N THR B 187 -21.29 9.43 -5.23
CA THR B 187 -22.61 8.89 -5.56
C THR B 187 -22.82 7.62 -4.74
N LYS B 188 -23.81 7.63 -3.85
CA LYS B 188 -24.09 6.49 -2.98
C LYS B 188 -25.32 5.76 -3.51
N PHE B 189 -25.19 4.45 -3.70
CA PHE B 189 -26.31 3.63 -4.13
C PHE B 189 -26.28 2.31 -3.37
N GLN B 190 -27.34 1.52 -3.53
CA GLN B 190 -27.52 0.28 -2.81
C GLN B 190 -27.94 -0.81 -3.77
N VAL B 191 -27.18 -1.90 -3.80
CA VAL B 191 -27.46 -3.05 -4.65
C VAL B 191 -27.43 -4.30 -3.78
N ASP B 192 -28.55 -5.04 -3.76
CA ASP B 192 -28.66 -6.27 -2.97
C ASP B 192 -28.30 -6.03 -1.51
N LYS B 193 -28.85 -4.95 -0.94
CA LYS B 193 -28.64 -4.51 0.44
C LYS B 193 -27.20 -4.14 0.72
N VAL B 194 -26.34 -4.02 -0.28
CA VAL B 194 -24.94 -3.65 -0.09
C VAL B 194 -24.76 -2.22 -0.61
N ASN B 195 -24.13 -1.38 0.22
CA ASN B 195 -23.95 0.03 -0.11
C ASN B 195 -22.64 0.25 -0.85
N PHE B 196 -22.70 1.00 -1.96
CA PHE B 196 -21.53 1.32 -2.76
C PHE B 196 -21.46 2.82 -2.95
N HIS B 197 -20.28 3.40 -2.70
CA HIS B 197 -20.01 4.82 -2.89
C HIS B 197 -18.99 4.96 -4.02
N MET B 198 -19.41 5.57 -5.11
CA MET B 198 -18.54 5.80 -6.26
C MET B 198 -18.02 7.23 -6.22
N PHE B 199 -16.70 7.39 -6.30
CA PHE B 199 -16.05 8.67 -6.24
C PHE B 199 -15.49 9.05 -7.60
N ASP B 200 -15.78 10.27 -8.05
CA ASP B 200 -15.35 10.76 -9.34
C ASP B 200 -14.56 12.04 -9.17
N VAL B 201 -13.47 12.17 -9.93
CA VAL B 201 -12.62 13.35 -9.86
C VAL B 201 -13.38 14.55 -10.42
N GLY B 202 -13.32 15.67 -9.71
CA GLY B 202 -14.01 16.87 -10.13
C GLY B 202 -13.10 17.91 -10.73
N ALA B 203 -13.06 19.10 -10.14
CA ALA B 203 -12.25 20.22 -10.63
C ALA B 203 -10.78 19.96 -10.27
N GLN B 204 -10.12 19.18 -11.11
CA GLN B 204 -8.70 18.88 -10.94
C GLN B 204 -8.00 19.03 -12.29
N ARG B 205 -6.72 19.36 -12.24
CA ARG B 205 -5.95 19.58 -13.46
C ARG B 205 -5.61 18.24 -14.11
N ASP B 206 -4.87 18.31 -15.22
CA ASP B 206 -4.51 17.12 -15.99
C ASP B 206 -3.52 16.23 -15.24
N GLU B 207 -2.77 16.76 -14.29
CA GLU B 207 -1.81 15.97 -13.54
C GLU B 207 -2.54 15.11 -12.52
N ARG B 208 -2.34 13.80 -12.59
CA ARG B 208 -3.03 12.86 -11.72
C ARG B 208 -2.09 11.91 -11.00
N ARG B 209 -0.77 12.07 -11.13
CA ARG B 209 0.16 11.13 -10.52
C ARG B 209 0.23 11.26 -9.01
N LYS B 210 -0.29 12.34 -8.44
CA LYS B 210 -0.17 12.60 -7.01
C LYS B 210 -1.44 12.23 -6.24
N TRP B 211 -2.58 12.79 -6.64
CA TRP B 211 -3.80 12.58 -5.85
C TRP B 211 -4.36 11.18 -6.02
N ILE B 212 -4.08 10.52 -7.13
CA ILE B 212 -4.60 9.17 -7.34
C ILE B 212 -4.03 8.18 -6.33
N GLN B 213 -2.88 8.50 -5.74
CA GLN B 213 -2.33 7.66 -4.68
C GLN B 213 -3.23 7.62 -3.46
N CYS B 214 -4.15 8.59 -3.33
CA CYS B 214 -5.12 8.53 -2.23
C CYS B 214 -6.10 7.38 -2.42
N PHE B 215 -6.28 6.91 -3.66
CA PHE B 215 -7.19 5.81 -3.95
C PHE B 215 -6.51 4.46 -3.93
N ASN B 216 -5.47 4.29 -3.13
CA ASN B 216 -4.75 3.01 -3.07
C ASN B 216 -5.56 1.93 -2.36
N ASP B 217 -6.51 2.31 -1.50
CA ASP B 217 -7.28 1.35 -0.72
C ASP B 217 -8.73 1.21 -1.20
N VAL B 218 -8.99 1.54 -2.46
CA VAL B 218 -10.35 1.39 -2.99
C VAL B 218 -10.60 -0.05 -3.39
N THR B 219 -11.88 -0.41 -3.52
CA THR B 219 -12.24 -1.76 -3.89
C THR B 219 -11.99 -2.01 -5.37
N ALA B 220 -12.40 -1.08 -6.23
CA ALA B 220 -12.24 -1.25 -7.66
C ALA B 220 -12.21 0.10 -8.35
N ILE B 221 -11.63 0.11 -9.54
CA ILE B 221 -11.55 1.29 -10.39
C ILE B 221 -12.33 1.01 -11.65
N ILE B 222 -13.47 1.67 -11.80
CA ILE B 222 -14.31 1.52 -12.99
C ILE B 222 -13.83 2.51 -14.04
N PHE B 223 -13.15 2.01 -15.06
CA PHE B 223 -12.55 2.83 -16.11
C PHE B 223 -13.39 2.71 -17.38
N VAL B 224 -13.83 3.85 -17.90
CA VAL B 224 -14.68 3.90 -19.08
C VAL B 224 -13.85 4.23 -20.32
N VAL B 225 -14.20 3.60 -21.45
CA VAL B 225 -13.49 3.79 -22.70
C VAL B 225 -14.52 3.92 -23.82
N ASP B 226 -14.41 4.95 -24.64
CA ASP B 226 -15.29 5.08 -25.80
C ASP B 226 -14.93 4.09 -26.88
N SER B 227 -15.88 3.29 -27.28
CA SER B 227 -15.66 2.23 -28.26
C SER B 227 -15.69 2.74 -29.69
N SER B 228 -16.34 3.88 -29.95
CA SER B 228 -16.47 4.39 -31.31
C SER B 228 -15.38 5.40 -31.67
N ASP B 229 -14.81 6.09 -30.69
CA ASP B 229 -13.79 7.11 -30.95
C ASP B 229 -12.47 6.40 -31.26
N TYR B 230 -12.23 6.15 -32.54
CA TYR B 230 -11.00 5.49 -32.96
C TYR B 230 -9.77 6.36 -32.77
N ASN B 231 -9.93 7.68 -32.71
CA ASN B 231 -8.78 8.57 -32.61
C ASN B 231 -8.14 8.48 -31.23
N ARG B 232 -8.93 8.67 -30.17
CA ARG B 232 -8.41 8.65 -28.81
C ARG B 232 -8.34 7.26 -28.21
N LEU B 233 -8.87 6.24 -28.90
CA LEU B 233 -8.87 4.87 -28.38
C LEU B 233 -7.48 4.44 -27.94
N GLN B 234 -6.51 4.51 -28.87
CA GLN B 234 -5.12 4.20 -28.53
C GLN B 234 -4.66 5.01 -27.33
N GLU B 235 -4.98 6.31 -27.32
CA GLU B 235 -4.64 7.16 -26.18
C GLU B 235 -5.23 6.59 -24.90
N ALA B 236 -6.50 6.20 -24.93
CA ALA B 236 -7.12 5.58 -23.77
C ALA B 236 -6.32 4.34 -23.34
N LEU B 237 -5.89 3.54 -24.31
CA LEU B 237 -5.02 2.40 -24.00
C LEU B 237 -3.83 2.84 -23.16
N ASN B 238 -3.14 3.89 -23.60
CA ASN B 238 -2.04 4.44 -22.83
C ASN B 238 -2.48 4.78 -21.42
N ASP B 239 -3.62 5.48 -21.29
CA ASP B 239 -4.15 5.80 -19.98
C ASP B 239 -4.42 4.52 -19.18
N PHE B 240 -4.94 3.49 -19.84
CA PHE B 240 -5.15 2.21 -19.17
C PHE B 240 -3.84 1.69 -18.60
N LYS B 241 -2.75 1.83 -19.35
CA LYS B 241 -1.44 1.44 -18.83
C LYS B 241 -1.12 2.19 -17.55
N SER B 242 -1.39 3.50 -17.53
CA SER B 242 -1.15 4.29 -16.32
C SER B 242 -1.98 3.78 -15.16
N ILE B 243 -3.11 3.14 -15.43
CA ILE B 243 -3.93 2.57 -14.37
C ILE B 243 -3.44 1.19 -13.99
N TRP B 244 -2.81 0.47 -14.93
CA TRP B 244 -2.42 -0.92 -14.67
C TRP B 244 -0.99 -1.04 -14.20
N ASN B 245 -0.04 -0.41 -14.88
CA ASN B 245 1.36 -0.48 -14.53
C ASN B 245 1.76 0.49 -13.43
N ASN B 246 0.79 1.09 -12.74
CA ASN B 246 1.09 2.00 -11.65
C ASN B 246 1.60 1.20 -10.44
N ARG B 247 2.62 1.74 -9.77
CA ARG B 247 3.18 1.07 -8.61
C ARG B 247 2.24 1.07 -7.42
N TRP B 248 1.30 2.00 -7.36
CA TRP B 248 0.33 2.07 -6.27
C TRP B 248 -1.00 1.41 -6.63
N LEU B 249 -1.35 1.35 -7.91
CA LEU B 249 -2.58 0.71 -8.37
C LEU B 249 -2.34 -0.71 -8.87
N ARG B 250 -1.22 -1.32 -8.49
CA ARG B 250 -0.89 -2.65 -8.98
C ARG B 250 -1.72 -3.74 -8.32
N THR B 251 -2.28 -3.48 -7.13
CA THR B 251 -3.07 -4.46 -6.41
C THR B 251 -4.55 -4.08 -6.34
N ILE B 252 -5.03 -3.30 -7.31
CA ILE B 252 -6.41 -2.84 -7.35
C ILE B 252 -7.04 -3.34 -8.64
N SER B 253 -8.27 -3.87 -8.52
CA SER B 253 -8.98 -4.39 -9.67
C SER B 253 -9.53 -3.26 -10.53
N VAL B 254 -9.57 -3.50 -11.84
CA VAL B 254 -10.02 -2.52 -12.82
C VAL B 254 -11.17 -3.12 -13.61
N ILE B 255 -12.32 -2.45 -13.59
CA ILE B 255 -13.49 -2.87 -14.35
C ILE B 255 -13.58 -2.00 -15.60
N LEU B 256 -13.42 -2.61 -16.76
CA LEU B 256 -13.43 -1.90 -18.04
C LEU B 256 -14.85 -1.79 -18.57
N PHE B 257 -15.29 -0.57 -18.85
CA PHE B 257 -16.61 -0.30 -19.43
C PHE B 257 -16.41 0.26 -20.83
N LEU B 258 -16.64 -0.58 -21.83
CA LEU B 258 -16.58 -0.16 -23.24
C LEU B 258 -17.91 0.52 -23.57
N ASN B 259 -17.97 1.81 -23.29
CA ASN B 259 -19.21 2.56 -23.42
C ASN B 259 -19.50 2.87 -24.89
N LYS B 260 -20.76 3.23 -25.16
CA LYS B 260 -21.21 3.64 -26.50
C LYS B 260 -21.01 2.52 -27.52
N GLN B 261 -21.68 1.39 -27.27
CA GLN B 261 -21.65 0.28 -28.20
C GLN B 261 -22.56 0.51 -29.40
N ASP B 262 -23.69 1.19 -29.21
CA ASP B 262 -24.57 1.48 -30.32
C ASP B 262 -23.91 2.44 -31.32
N LEU B 263 -23.17 3.42 -30.82
CA LEU B 263 -22.43 4.31 -31.71
C LEU B 263 -21.36 3.56 -32.49
N LEU B 264 -20.68 2.61 -31.83
CA LEU B 264 -19.71 1.78 -32.52
C LEU B 264 -20.36 0.94 -33.60
N ALA B 265 -21.53 0.36 -33.31
CA ALA B 265 -22.24 -0.43 -34.31
C ALA B 265 -22.66 0.43 -35.49
N GLU B 266 -23.16 1.64 -35.22
CA GLU B 266 -23.56 2.52 -36.31
C GLU B 266 -22.37 2.96 -37.15
N LYS B 267 -21.23 3.22 -36.50
CA LYS B 267 -20.04 3.62 -37.24
C LYS B 267 -19.49 2.47 -38.07
N VAL B 268 -19.61 1.23 -37.57
CA VAL B 268 -19.16 0.08 -38.35
C VAL B 268 -20.09 -0.18 -39.52
N LEU B 269 -21.39 -0.01 -39.32
CA LEU B 269 -22.35 -0.20 -40.42
C LEU B 269 -22.23 0.91 -41.46
N ALA B 270 -21.80 2.11 -41.06
CA ALA B 270 -21.64 3.20 -42.01
C ALA B 270 -20.50 2.92 -42.98
N GLY B 271 -19.37 2.41 -42.49
CA GLY B 271 -18.25 2.09 -43.33
C GLY B 271 -17.45 3.27 -43.84
N LYS B 272 -17.73 4.48 -43.35
CA LYS B 272 -16.97 5.65 -43.80
C LYS B 272 -15.55 5.63 -43.25
N SER B 273 -15.40 5.32 -41.97
CA SER B 273 -14.09 5.26 -41.33
C SER B 273 -13.63 3.81 -41.21
N LYS B 274 -12.34 3.59 -41.43
CA LYS B 274 -11.75 2.26 -41.37
C LYS B 274 -10.83 2.16 -40.16
N ILE B 275 -10.93 1.04 -39.44
CA ILE B 275 -10.09 0.83 -38.27
C ILE B 275 -8.63 0.60 -38.68
N GLU B 276 -8.39 0.13 -39.90
CA GLU B 276 -7.03 -0.10 -40.36
C GLU B 276 -6.21 1.18 -40.43
N ASP B 277 -6.86 2.34 -40.56
CA ASP B 277 -6.14 3.60 -40.60
C ASP B 277 -5.52 3.95 -39.26
N TYR B 278 -6.03 3.38 -38.17
CA TYR B 278 -5.49 3.60 -36.83
C TYR B 278 -4.81 2.37 -36.25
N PHE B 279 -5.35 1.18 -36.50
CA PHE B 279 -4.77 -0.07 -36.01
C PHE B 279 -4.58 -1.02 -37.18
N PRO B 280 -3.35 -1.19 -37.68
CA PRO B 280 -3.14 -2.10 -38.82
C PRO B 280 -3.34 -3.55 -38.46
N GLU B 281 -3.04 -3.96 -37.22
CA GLU B 281 -3.21 -5.35 -36.82
C GLU B 281 -4.66 -5.80 -36.89
N PHE B 282 -5.62 -4.86 -36.90
CA PHE B 282 -7.02 -5.23 -37.09
C PHE B 282 -7.24 -5.90 -38.44
N ALA B 283 -6.40 -5.59 -39.43
CA ALA B 283 -6.51 -6.26 -40.73
C ALA B 283 -6.07 -7.72 -40.66
N ARG B 284 -5.39 -8.12 -39.58
CA ARG B 284 -4.93 -9.49 -39.40
C ARG B 284 -5.46 -10.07 -38.09
N TYR B 285 -6.74 -9.83 -37.82
CA TYR B 285 -7.39 -10.30 -36.59
C TYR B 285 -8.60 -11.14 -36.96
N THR B 286 -8.84 -12.20 -36.18
CA THR B 286 -9.94 -13.11 -36.42
C THR B 286 -10.81 -13.19 -35.16
N THR B 287 -12.03 -13.65 -35.34
CA THR B 287 -12.96 -13.78 -34.22
C THR B 287 -12.51 -14.91 -33.31
N PRO B 288 -12.44 -14.68 -31.99
CA PRO B 288 -12.03 -15.76 -31.08
C PRO B 288 -13.05 -16.89 -31.06
N GLU B 289 -12.61 -18.04 -30.57
CA GLU B 289 -13.48 -19.22 -30.54
C GLU B 289 -14.51 -19.09 -29.42
N ASP B 290 -14.15 -18.48 -28.30
CA ASP B 290 -15.05 -18.32 -27.17
C ASP B 290 -15.95 -17.10 -27.30
N ALA B 291 -16.11 -16.56 -28.50
CA ALA B 291 -16.96 -15.40 -28.70
C ALA B 291 -18.42 -15.75 -28.51
N THR B 292 -19.19 -14.78 -27.99
CA THR B 292 -20.62 -14.92 -27.77
C THR B 292 -21.33 -13.78 -28.49
N PRO B 293 -21.62 -13.94 -29.79
CA PRO B 293 -22.29 -12.87 -30.53
C PRO B 293 -23.72 -12.67 -30.04
N GLU B 294 -24.10 -11.40 -29.91
CA GLU B 294 -25.45 -11.07 -29.47
C GLU B 294 -26.45 -11.35 -30.60
N PRO B 295 -27.67 -11.73 -30.26
CA PRO B 295 -28.69 -12.00 -31.29
C PRO B 295 -29.08 -10.71 -32.01
N GLY B 296 -28.77 -10.64 -33.30
CA GLY B 296 -29.08 -9.46 -34.09
C GLY B 296 -27.96 -8.45 -34.10
N GLU B 297 -26.75 -8.90 -34.41
CA GLU B 297 -25.57 -8.03 -34.45
C GLU B 297 -24.76 -8.35 -35.70
N ASP B 298 -24.25 -7.31 -36.35
CA ASP B 298 -23.45 -7.49 -37.54
C ASP B 298 -22.13 -8.17 -37.18
N PRO B 299 -21.60 -9.03 -38.06
CA PRO B 299 -20.32 -9.68 -37.76
C PRO B 299 -19.15 -8.70 -37.64
N ARG B 300 -19.16 -7.62 -38.41
CA ARG B 300 -18.07 -6.65 -38.33
C ARG B 300 -18.06 -5.94 -36.99
N VAL B 301 -19.23 -5.62 -36.44
CA VAL B 301 -19.30 -4.99 -35.13
C VAL B 301 -18.75 -5.92 -34.06
N THR B 302 -19.11 -7.21 -34.13
CA THR B 302 -18.59 -8.18 -33.18
C THR B 302 -17.08 -8.33 -33.30
N ARG B 303 -16.58 -8.35 -34.54
CA ARG B 303 -15.13 -8.45 -34.76
C ARG B 303 -14.40 -7.26 -34.15
N ALA B 304 -14.91 -6.05 -34.40
CA ALA B 304 -14.27 -4.86 -33.85
C ALA B 304 -14.34 -4.84 -32.33
N LYS B 305 -15.49 -5.25 -31.77
CA LYS B 305 -15.64 -5.28 -30.32
C LYS B 305 -14.64 -6.24 -29.69
N TYR B 306 -14.53 -7.45 -30.23
CA TYR B 306 -13.60 -8.42 -29.68
C TYR B 306 -12.15 -8.02 -29.93
N PHE B 307 -11.88 -7.30 -31.02
CA PHE B 307 -10.54 -6.80 -31.27
C PHE B 307 -10.14 -5.77 -30.20
N ILE B 308 -11.04 -4.83 -29.91
CA ILE B 308 -10.76 -3.86 -28.86
C ILE B 308 -10.61 -4.55 -27.51
N ARG B 309 -11.46 -5.56 -27.24
CA ARG B 309 -11.37 -6.28 -25.99
C ARG B 309 -10.02 -6.98 -25.85
N ASP B 310 -9.56 -7.65 -26.91
CA ASP B 310 -8.27 -8.34 -26.85
C ASP B 310 -7.13 -7.35 -26.74
N GLU B 311 -7.25 -6.19 -27.40
CA GLU B 311 -6.22 -5.16 -27.30
C GLU B 311 -6.09 -4.66 -25.87
N PHE B 312 -7.21 -4.52 -25.17
CA PHE B 312 -7.15 -4.14 -23.76
C PHE B 312 -6.63 -5.28 -22.88
N LEU B 313 -7.04 -6.52 -23.19
CA LEU B 313 -6.66 -7.65 -22.35
C LEU B 313 -5.18 -7.96 -22.45
N ARG B 314 -4.57 -7.77 -23.62
CA ARG B 314 -3.13 -7.99 -23.73
C ARG B 314 -2.37 -7.01 -22.84
N ILE B 315 -2.76 -5.73 -22.87
CA ILE B 315 -2.11 -4.73 -22.04
C ILE B 315 -2.35 -5.02 -20.56
N SER B 316 -3.54 -5.55 -20.23
CA SER B 316 -3.84 -5.86 -18.83
C SER B 316 -3.00 -7.03 -18.34
N THR B 317 -2.90 -8.08 -19.15
CA THR B 317 -2.18 -9.29 -18.75
C THR B 317 -0.68 -9.20 -18.96
N ALA B 318 -0.18 -8.14 -19.61
CA ALA B 318 1.26 -7.97 -19.73
C ALA B 318 1.95 -7.85 -18.38
N SER B 319 1.23 -7.36 -17.36
CA SER B 319 1.81 -7.22 -16.03
C SER B 319 0.84 -7.64 -14.93
N GLY B 320 -0.14 -8.49 -15.24
CA GLY B 320 -1.09 -8.94 -14.24
C GLY B 320 -0.47 -9.81 -13.18
N ASP B 321 0.03 -10.99 -13.58
CA ASP B 321 0.72 -11.92 -12.68
C ASP B 321 -0.17 -12.38 -11.53
N GLY B 322 -1.48 -12.38 -11.73
CA GLY B 322 -2.41 -12.92 -10.77
C GLY B 322 -2.82 -11.99 -9.65
N ARG B 323 -1.99 -11.00 -9.32
CA ARG B 323 -2.30 -10.12 -8.21
C ARG B 323 -3.51 -9.23 -8.50
N HIS B 324 -3.87 -9.03 -9.77
CA HIS B 324 -5.04 -8.24 -10.13
C HIS B 324 -5.52 -8.69 -11.50
N TYR B 325 -6.82 -8.49 -11.73
CA TYR B 325 -7.46 -8.92 -12.98
C TYR B 325 -8.33 -7.80 -13.52
N CYS B 326 -8.71 -7.94 -14.78
CA CYS B 326 -9.58 -6.98 -15.45
C CYS B 326 -10.99 -7.54 -15.56
N TYR B 327 -11.97 -6.64 -15.58
CA TYR B 327 -13.39 -7.00 -15.65
C TYR B 327 -13.99 -6.36 -16.89
N PRO B 328 -13.86 -6.98 -18.05
CA PRO B 328 -14.44 -6.42 -19.27
C PRO B 328 -15.96 -6.52 -19.26
N HIS B 329 -16.62 -5.40 -19.58
CA HIS B 329 -18.07 -5.34 -19.65
C HIS B 329 -18.46 -4.37 -20.75
N PHE B 330 -19.37 -4.81 -21.62
CA PHE B 330 -19.84 -3.99 -22.73
C PHE B 330 -21.01 -3.12 -22.27
N THR B 331 -20.84 -1.80 -22.40
CA THR B 331 -21.83 -0.84 -21.93
C THR B 331 -22.42 -0.08 -23.10
N CYS B 332 -23.75 -0.03 -23.16
CA CYS B 332 -24.47 0.70 -24.18
C CYS B 332 -24.93 2.04 -23.62
N SER B 333 -25.76 2.75 -24.39
CA SER B 333 -26.23 4.06 -23.96
C SER B 333 -27.13 3.96 -22.73
N VAL B 334 -28.08 3.04 -22.74
CA VAL B 334 -29.04 2.86 -21.65
C VAL B 334 -28.95 1.42 -21.17
N ASP B 335 -28.25 1.22 -20.05
CA ASP B 335 -28.15 -0.08 -19.41
C ASP B 335 -28.28 0.10 -17.91
N THR B 336 -29.30 -0.52 -17.31
CA THR B 336 -29.54 -0.41 -15.89
C THR B 336 -28.95 -1.57 -15.09
N GLU B 337 -28.45 -2.60 -15.75
CA GLU B 337 -27.90 -3.77 -15.07
C GLU B 337 -26.42 -3.66 -14.78
N ASN B 338 -25.72 -2.72 -15.42
CA ASN B 338 -24.27 -2.61 -15.27
C ASN B 338 -23.86 -2.56 -13.80
N ALA B 339 -24.49 -1.65 -13.03
CA ALA B 339 -24.21 -1.55 -11.61
C ALA B 339 -24.31 -2.90 -10.92
N ARG B 340 -25.40 -3.63 -11.19
CA ARG B 340 -25.55 -4.97 -10.63
C ARG B 340 -24.35 -5.84 -10.98
N ARG B 341 -23.97 -5.83 -12.26
CA ARG B 341 -22.74 -6.53 -12.67
C ARG B 341 -21.56 -6.12 -11.81
N ILE B 342 -21.37 -4.81 -11.63
CA ILE B 342 -20.31 -4.31 -10.77
C ILE B 342 -20.39 -4.98 -9.40
N PHE B 343 -21.59 -5.03 -8.84
CA PHE B 343 -21.80 -5.72 -7.57
C PHE B 343 -21.17 -7.11 -7.61
N ASN B 344 -21.58 -7.92 -8.59
CA ASN B 344 -21.00 -9.25 -8.75
C ASN B 344 -19.48 -9.17 -8.79
N ASP B 345 -18.95 -8.26 -9.61
CA ASP B 345 -17.51 -8.06 -9.66
C ASP B 345 -16.95 -7.81 -8.27
N VAL B 346 -17.53 -6.85 -7.55
CA VAL B 346 -17.08 -6.56 -6.18
C VAL B 346 -17.13 -7.82 -5.35
N THR B 347 -18.21 -8.58 -5.46
CA THR B 347 -18.32 -9.85 -4.75
C THR B 347 -17.12 -10.73 -5.03
N ASP B 348 -16.80 -10.92 -6.30
CA ASP B 348 -15.60 -11.69 -6.68
C ASP B 348 -14.37 -11.11 -6.00
N ILE B 349 -14.21 -9.78 -6.08
CA ILE B 349 -13.08 -9.12 -5.43
C ILE B 349 -13.05 -9.49 -3.95
N ILE B 350 -14.21 -9.44 -3.31
CA ILE B 350 -14.29 -9.80 -1.89
C ILE B 350 -13.72 -11.19 -1.66
N ILE B 351 -14.14 -12.15 -2.49
CA ILE B 351 -13.61 -13.50 -2.37
C ILE B 351 -12.11 -13.50 -2.61
N LYS B 352 -11.66 -12.76 -3.63
CA LYS B 352 -10.23 -12.69 -3.90
C LYS B 352 -9.47 -11.95 -2.82
N MET B 353 -10.19 -11.23 -1.94
CA MET B 353 -9.55 -10.64 -0.78
C MET B 353 -9.70 -11.49 0.48
N ASN B 354 -10.58 -12.49 0.45
CA ASN B 354 -10.76 -13.39 1.58
C ASN B 354 -9.99 -14.70 1.44
N LEU B 355 -9.64 -15.09 0.21
CA LEU B 355 -8.89 -16.32 0.00
C LEU B 355 -7.40 -16.15 0.20
N ARG B 356 -6.87 -14.95 -0.09
CA ARG B 356 -5.45 -14.70 0.13
C ARG B 356 -5.11 -14.52 1.60
N ASP B 357 -6.08 -14.13 2.42
CA ASP B 357 -5.82 -13.97 3.86
C ASP B 357 -5.89 -15.31 4.59
N CYS B 358 -6.91 -16.12 4.28
CA CYS B 358 -7.05 -17.43 4.90
C CYS B 358 -5.97 -18.41 4.47
N GLY B 359 -5.30 -18.16 3.36
CA GLY B 359 -4.24 -19.05 2.90
C GLY B 359 -4.70 -20.12 1.94
N LEU B 360 -5.59 -19.78 1.00
CA LEU B 360 -6.08 -20.74 0.01
C LEU B 360 -5.89 -20.25 -1.42
N PHE B 361 -5.32 -19.06 -1.61
CA PHE B 361 -5.11 -18.51 -2.94
C PHE B 361 -3.99 -17.48 -2.94
N GLN C 9 13.06 35.60 -29.24
CA GLN C 9 12.26 36.44 -28.35
C GLN C 9 12.88 36.50 -26.96
N LEU C 10 12.03 36.64 -25.94
CA LEU C 10 12.50 36.74 -24.56
C LEU C 10 12.96 35.42 -23.98
N ARG C 11 12.76 34.33 -24.71
CA ARG C 11 13.26 33.04 -24.22
C ARG C 11 14.77 33.06 -24.08
N GLN C 12 15.46 33.69 -25.03
CA GLN C 12 16.91 33.85 -24.90
C GLN C 12 17.27 34.74 -23.71
N GLU C 13 16.43 35.74 -23.43
CA GLU C 13 16.67 36.58 -22.25
C GLU C 13 16.53 35.77 -20.97
N ALA C 14 15.49 34.94 -20.88
CA ALA C 14 15.34 34.07 -19.72
C ALA C 14 16.51 33.10 -19.59
N GLU C 15 16.97 32.56 -20.72
CA GLU C 15 18.09 31.62 -20.70
C GLU C 15 19.37 32.29 -20.20
N GLN C 16 19.65 33.50 -20.71
CA GLN C 16 20.87 34.19 -20.27
C GLN C 16 20.76 34.66 -18.83
N LEU C 17 19.55 34.99 -18.36
CA LEU C 17 19.38 35.33 -16.95
C LEU C 17 19.62 34.12 -16.06
N LYS C 18 19.10 32.96 -16.45
CA LYS C 18 19.36 31.74 -15.69
C LYS C 18 20.84 31.39 -15.70
N ASN C 19 21.51 31.60 -16.83
CA ASN C 19 22.94 31.33 -16.91
C ASN C 19 23.73 32.29 -16.01
N GLN C 20 23.33 33.56 -15.97
CA GLN C 20 24.00 34.52 -15.09
C GLN C 20 23.78 34.16 -13.62
N ILE C 21 22.57 33.73 -13.27
CA ILE C 21 22.29 33.31 -11.89
C ILE C 21 23.13 32.10 -11.53
N ARG C 22 23.25 31.14 -12.45
CA ARG C 22 24.05 29.95 -12.18
C ARG C 22 25.52 30.30 -12.02
N ASP C 23 26.03 31.20 -12.86
CA ASP C 23 27.42 31.63 -12.74
C ASP C 23 27.67 32.37 -11.43
N ALA C 24 26.71 33.19 -11.01
CA ALA C 24 26.85 33.89 -9.73
C ALA C 24 26.84 32.91 -8.56
N ARG C 25 25.96 31.91 -8.61
CA ARG C 25 25.93 30.90 -7.55
C ARG C 25 27.22 30.08 -7.53
N LYS C 26 27.79 29.80 -8.70
CA LYS C 26 29.05 29.06 -8.75
C LYS C 26 30.19 29.90 -8.22
N ALA C 27 30.20 31.21 -8.52
CA ALA C 27 31.25 32.08 -8.02
C ALA C 27 31.15 32.25 -6.51
N CYS C 28 29.93 32.34 -5.98
CA CYS C 28 29.74 32.44 -4.53
C CYS C 28 30.00 31.12 -3.82
N ALA C 29 30.12 30.01 -4.56
CA ALA C 29 30.38 28.71 -3.95
C ALA C 29 31.87 28.56 -3.70
N ASP C 30 32.27 28.54 -2.43
CA ASP C 30 33.67 28.36 -2.04
C ASP C 30 33.99 26.92 -1.68
N ALA C 31 33.24 26.34 -0.76
CA ALA C 31 33.47 24.96 -0.34
C ALA C 31 32.14 24.33 0.05
N THR C 32 32.07 23.01 -0.05
CA THR C 32 30.85 22.29 0.28
C THR C 32 30.67 22.22 1.80
N LEU C 33 29.46 21.85 2.23
CA LEU C 33 29.17 21.73 3.65
C LEU C 33 29.90 20.54 4.26
N SER C 34 30.08 19.46 3.50
CA SER C 34 30.76 18.28 4.02
C SER C 34 32.26 18.49 4.17
N GLN C 35 32.85 19.42 3.42
CA GLN C 35 34.28 19.66 3.51
C GLN C 35 34.63 20.53 4.70
N ILE C 36 33.86 21.59 4.93
CA ILE C 36 34.15 22.49 6.05
C ILE C 36 33.82 21.83 7.38
N THR C 37 32.74 21.05 7.44
CA THR C 37 32.30 20.40 8.67
C THR C 37 32.80 18.97 8.78
N ASN C 38 33.96 18.67 8.20
CA ASN C 38 34.52 17.33 8.25
C ASN C 38 35.36 17.09 9.50
N ASN C 39 35.81 18.16 10.17
CA ASN C 39 36.68 18.00 11.33
C ASN C 39 35.91 17.60 12.58
N ILE C 40 34.60 17.76 12.60
CA ILE C 40 33.82 17.39 13.79
C ILE C 40 33.71 15.88 13.89
N ASP C 41 33.31 15.42 15.07
CA ASP C 41 33.14 13.99 15.30
C ASP C 41 31.71 13.57 14.95
N PRO C 42 31.53 12.41 14.33
CA PRO C 42 30.18 11.96 13.97
C PRO C 42 29.34 11.66 15.21
N VAL C 43 28.02 11.61 14.99
CA VAL C 43 27.10 11.33 16.08
C VAL C 43 27.13 9.85 16.43
N GLY C 44 27.13 8.98 15.43
CA GLY C 44 27.14 7.55 15.65
C GLY C 44 25.80 6.90 15.38
N ARG C 45 25.63 5.71 15.96
CA ARG C 45 24.40 4.96 15.80
C ARG C 45 23.32 5.51 16.72
N ILE C 46 22.16 5.83 16.16
CA ILE C 46 21.02 6.35 16.92
C ILE C 46 19.99 5.22 17.05
N GLN C 47 19.68 4.86 18.28
CA GLN C 47 18.73 3.78 18.58
C GLN C 47 17.56 4.38 19.36
N MET C 48 16.46 4.66 18.66
CA MET C 48 15.26 5.20 19.27
C MET C 48 14.29 4.07 19.58
N ARG C 49 13.71 4.11 20.79
CA ARG C 49 12.79 3.10 21.25
C ARG C 49 11.35 3.61 21.16
N THR C 50 10.43 2.69 20.93
CA THR C 50 9.01 3.01 20.84
C THR C 50 8.44 3.15 22.25
N ARG C 51 7.98 4.35 22.58
CA ARG C 51 7.41 4.61 23.90
C ARG C 51 5.90 4.39 23.94
N ARG C 52 5.18 4.96 22.97
CA ARG C 52 3.74 4.84 22.90
C ARG C 52 3.31 4.37 21.52
N THR C 53 2.22 3.61 21.49
CA THR C 53 1.66 3.10 20.24
C THR C 53 0.18 3.49 20.18
N LEU C 54 -0.20 4.20 19.13
CA LEU C 54 -1.56 4.70 18.96
C LEU C 54 -2.31 3.81 17.98
N ARG C 55 -3.42 3.23 18.42
CA ARG C 55 -4.25 2.37 17.60
C ARG C 55 -5.69 2.86 17.64
N GLY C 56 -6.40 2.65 16.54
CA GLY C 56 -7.79 3.05 16.46
C GLY C 56 -8.22 3.58 15.10
N HIS C 57 -7.26 3.94 14.27
CA HIS C 57 -7.59 4.46 12.95
C HIS C 57 -8.11 3.34 12.04
N LEU C 58 -8.88 3.74 11.03
CA LEU C 58 -9.51 2.79 10.12
C LEU C 58 -8.80 2.72 8.77
N ALA C 59 -8.63 3.87 8.10
CA ALA C 59 -7.96 3.95 6.81
C ALA C 59 -6.52 4.39 7.02
N LYS C 60 -5.82 4.62 5.91
CA LYS C 60 -4.42 5.02 5.99
C LYS C 60 -4.30 6.46 6.45
N ILE C 61 -3.42 6.69 7.42
CA ILE C 61 -3.17 8.02 7.94
C ILE C 61 -2.30 8.78 6.95
N TYR C 62 -2.63 10.04 6.69
CA TYR C 62 -1.93 10.82 5.68
C TYR C 62 -1.05 11.92 6.25
N ALA C 63 -1.45 12.56 7.34
CA ALA C 63 -0.65 13.64 7.90
C ALA C 63 -0.98 13.80 9.38
N MET C 64 -0.09 14.47 10.09
CA MET C 64 -0.27 14.76 11.50
C MET C 64 0.45 16.07 11.83
N HIS C 65 0.16 16.61 13.01
CA HIS C 65 0.78 17.84 13.46
C HIS C 65 0.79 17.88 14.98
N TRP C 66 1.92 18.31 15.54
CA TRP C 66 2.07 18.44 16.98
C TRP C 66 1.57 19.79 17.47
N GLY C 67 1.26 19.85 18.76
CA GLY C 67 0.83 21.10 19.38
C GLY C 67 1.98 21.83 20.06
N THR C 68 1.69 23.07 20.46
CA THR C 68 2.71 23.88 21.12
C THR C 68 2.99 23.38 22.53
N ASP C 69 2.02 22.74 23.17
CA ASP C 69 2.20 22.21 24.52
C ASP C 69 2.96 20.89 24.55
N SER C 70 3.28 20.32 23.39
CA SER C 70 4.00 19.05 23.27
C SER C 70 3.28 17.90 23.98
N ARG C 71 1.97 18.02 24.18
CA ARG C 71 1.17 16.99 24.84
C ARG C 71 0.16 16.35 23.90
N LEU C 72 -0.67 17.15 23.24
CA LEU C 72 -1.69 16.65 22.34
C LEU C 72 -1.25 16.79 20.90
N LEU C 73 -1.74 15.89 20.05
CA LEU C 73 -1.45 15.91 18.63
C LEU C 73 -2.71 15.60 17.85
N VAL C 74 -2.72 15.98 16.57
CA VAL C 74 -3.84 15.74 15.69
C VAL C 74 -3.42 14.75 14.61
N SER C 75 -4.28 13.77 14.34
CA SER C 75 -4.03 12.76 13.32
C SER C 75 -5.18 12.73 12.33
N ALA C 76 -4.83 12.68 11.04
CA ALA C 76 -5.79 12.72 9.95
C ALA C 76 -5.64 11.45 9.11
N SER C 77 -6.72 10.68 9.03
CA SER C 77 -6.76 9.46 8.22
C SER C 77 -7.84 9.60 7.16
N GLN C 78 -7.74 8.77 6.13
CA GLN C 78 -8.67 8.83 5.01
C GLN C 78 -10.02 8.19 5.29
N ASP C 79 -10.30 7.82 6.55
CA ASP C 79 -11.61 7.29 6.91
C ASP C 79 -12.62 8.37 7.23
N GLY C 80 -12.20 9.65 7.24
CA GLY C 80 -13.12 10.73 7.51
C GLY C 80 -13.23 11.06 8.99
N LYS C 81 -12.11 11.05 9.70
CA LYS C 81 -12.11 11.32 11.13
C LYS C 81 -10.77 11.93 11.54
N LEU C 82 -10.84 13.04 12.26
CA LEU C 82 -9.66 13.67 12.85
C LEU C 82 -9.62 13.28 14.33
N ILE C 83 -8.50 12.70 14.75
CA ILE C 83 -8.38 12.16 16.10
C ILE C 83 -7.34 12.96 16.87
N ILE C 84 -7.70 13.38 18.08
CA ILE C 84 -6.79 14.10 18.96
C ILE C 84 -6.19 13.08 19.92
N TRP C 85 -4.90 12.85 19.82
CA TRP C 85 -4.18 11.87 20.62
C TRP C 85 -3.41 12.56 21.73
N ASP C 86 -3.39 11.93 22.91
CA ASP C 86 -2.58 12.38 24.03
C ASP C 86 -1.29 11.58 24.01
N SER C 87 -0.16 12.27 23.86
CA SER C 87 1.13 11.59 23.74
C SER C 87 1.57 10.95 25.05
N TYR C 88 0.96 11.33 26.18
CA TYR C 88 1.39 10.81 27.48
C TYR C 88 0.57 9.61 27.92
N THR C 89 -0.76 9.71 27.89
CA THR C 89 -1.63 8.67 28.39
C THR C 89 -2.30 7.88 27.27
N THR C 90 -1.96 8.15 26.01
CA THR C 90 -2.51 7.46 24.84
C THR C 90 -4.04 7.50 24.80
N ASN C 91 -4.64 8.51 25.41
CA ASN C 91 -6.10 8.64 25.44
C ASN C 91 -6.57 9.55 24.31
N LYS C 92 -7.73 9.23 23.76
CA LYS C 92 -8.35 10.02 22.71
C LYS C 92 -9.14 11.15 23.33
N VAL C 93 -8.87 12.38 22.88
CA VAL C 93 -9.48 13.57 23.44
C VAL C 93 -10.67 14.03 22.62
N HIS C 94 -10.53 14.07 21.30
CA HIS C 94 -11.60 14.50 20.41
C HIS C 94 -11.60 13.66 19.15
N ALA C 95 -12.80 13.40 18.63
CA ALA C 95 -12.99 12.69 17.37
C ALA C 95 -13.92 13.53 16.50
N ILE C 96 -13.36 14.20 15.51
CA ILE C 96 -14.09 15.11 14.64
C ILE C 96 -14.48 14.36 13.37
N PRO C 97 -15.77 14.13 13.11
CA PRO C 97 -16.17 13.49 11.86
C PRO C 97 -16.10 14.49 10.70
N LEU C 98 -15.55 14.04 9.58
CA LEU C 98 -15.36 14.88 8.41
C LEU C 98 -16.43 14.62 7.37
N ARG C 99 -16.79 15.67 6.62
CA ARG C 99 -17.77 15.53 5.55
C ARG C 99 -17.20 14.77 4.36
N SER C 100 -15.92 14.93 4.09
CA SER C 100 -15.24 14.24 3.00
C SER C 100 -14.17 13.33 3.58
N SER C 101 -14.18 12.05 3.17
CA SER C 101 -13.25 11.08 3.72
C SER C 101 -11.86 11.19 3.11
N TRP C 102 -11.77 11.64 1.86
CA TRP C 102 -10.49 11.70 1.15
C TRP C 102 -9.75 12.97 1.52
N VAL C 103 -9.18 12.97 2.72
CA VAL C 103 -8.38 14.08 3.20
C VAL C 103 -6.90 13.74 3.06
N MET C 104 -6.07 14.78 3.05
CA MET C 104 -4.64 14.61 2.84
C MET C 104 -3.76 15.35 3.84
N THR C 105 -4.30 16.31 4.60
CA THR C 105 -3.48 17.08 5.52
C THR C 105 -4.33 17.58 6.67
N CYS C 106 -3.66 18.02 7.73
CA CYS C 106 -4.32 18.60 8.89
C CYS C 106 -3.38 19.61 9.53
N ALA C 107 -3.96 20.55 10.26
CA ALA C 107 -3.20 21.61 10.90
C ALA C 107 -3.74 21.87 12.30
N TYR C 108 -2.84 22.12 13.23
CA TYR C 108 -3.18 22.42 14.61
C TYR C 108 -2.81 23.86 14.93
N ALA C 109 -3.77 24.62 15.45
CA ALA C 109 -3.53 26.00 15.76
C ALA C 109 -2.53 26.13 16.92
N PRO C 110 -1.72 27.18 16.94
CA PRO C 110 -0.77 27.35 18.05
C PRO C 110 -1.43 27.48 19.41
N SER C 111 -2.61 28.10 19.47
CA SER C 111 -3.34 28.23 20.72
C SER C 111 -4.12 26.98 21.09
N GLY C 112 -4.21 26.00 20.19
CA GLY C 112 -4.95 24.79 20.48
C GLY C 112 -6.45 24.94 20.45
N ASN C 113 -6.98 26.01 19.87
CA ASN C 113 -8.41 26.24 19.83
C ASN C 113 -9.06 25.82 18.52
N TYR C 114 -8.30 25.74 17.44
CA TYR C 114 -8.84 25.39 16.13
C TYR C 114 -8.00 24.29 15.50
N VAL C 115 -8.61 23.59 14.55
CA VAL C 115 -7.94 22.51 13.82
C VAL C 115 -8.43 22.55 12.37
N ALA C 116 -7.48 22.60 11.43
CA ALA C 116 -7.80 22.69 10.02
C ALA C 116 -7.57 21.34 9.33
N CYS C 117 -8.29 21.13 8.24
CA CYS C 117 -8.17 19.92 7.46
C CYS C 117 -8.58 20.19 6.01
N GLY C 118 -8.15 19.31 5.12
CA GLY C 118 -8.46 19.44 3.72
C GLY C 118 -8.01 18.21 2.96
N GLY C 119 -8.30 18.20 1.66
CA GLY C 119 -7.94 17.06 0.84
C GLY C 119 -8.28 17.23 -0.62
N LEU C 120 -8.83 16.17 -1.23
CA LEU C 120 -9.18 16.23 -2.65
C LEU C 120 -10.23 17.29 -2.94
N ASP C 121 -11.15 17.50 -2.00
CA ASP C 121 -12.13 18.57 -2.16
C ASP C 121 -11.47 19.92 -1.99
N ASN C 122 -11.89 20.89 -2.79
CA ASN C 122 -11.29 22.22 -2.75
C ASN C 122 -11.93 23.06 -1.64
N ILE C 123 -11.97 22.51 -0.43
CA ILE C 123 -12.56 23.18 0.72
C ILE C 123 -11.71 22.89 1.95
N CYS C 124 -11.23 23.92 2.62
CA CYS C 124 -10.48 23.80 3.85
C CYS C 124 -11.44 23.99 5.02
N SER C 125 -11.58 22.95 5.85
CA SER C 125 -12.52 22.96 6.96
C SER C 125 -11.76 23.21 8.26
N ILE C 126 -12.16 24.27 8.97
CA ILE C 126 -11.57 24.61 10.26
C ILE C 126 -12.64 24.38 11.33
N TYR C 127 -12.31 23.56 12.32
CA TYR C 127 -13.21 23.24 13.41
C TYR C 127 -12.69 23.84 14.71
N ASN C 128 -13.61 24.39 15.51
CA ASN C 128 -13.27 24.99 16.79
C ASN C 128 -13.33 23.93 17.89
N LEU C 129 -12.25 23.82 18.65
CA LEU C 129 -12.17 22.85 19.74
C LEU C 129 -12.58 23.43 21.09
N LYS C 130 -12.87 24.73 21.15
CA LYS C 130 -13.24 25.40 22.39
C LYS C 130 -14.71 25.82 22.38
N THR C 131 -15.57 24.98 21.83
CA THR C 131 -17.00 25.27 21.80
C THR C 131 -17.58 25.23 23.21
N ARG C 132 -18.56 26.11 23.45
CA ARG C 132 -19.18 26.22 24.76
C ARG C 132 -19.98 24.99 25.17
N GLU C 133 -20.23 24.06 24.25
CA GLU C 133 -20.99 22.84 24.54
C GLU C 133 -20.09 21.62 24.71
N GLY C 134 -18.77 21.80 24.74
CA GLY C 134 -17.84 20.71 24.91
C GLY C 134 -17.58 19.87 23.69
N ASN C 135 -18.43 19.96 22.67
CA ASN C 135 -18.26 19.18 21.45
C ASN C 135 -17.50 20.00 20.41
N VAL C 136 -17.41 19.46 19.20
CA VAL C 136 -16.74 20.11 18.08
C VAL C 136 -17.75 20.28 16.95
N ARG C 137 -17.73 21.45 16.31
CA ARG C 137 -18.64 21.75 15.21
C ARG C 137 -17.87 22.44 14.10
N VAL C 138 -18.49 22.51 12.93
CA VAL C 138 -17.89 23.17 11.78
C VAL C 138 -17.85 24.67 12.05
N SER C 139 -16.65 25.21 12.20
CA SER C 139 -16.50 26.64 12.50
C SER C 139 -16.31 27.48 11.24
N ARG C 140 -15.58 26.98 10.25
CA ARG C 140 -15.35 27.75 9.04
C ARG C 140 -15.07 26.81 7.88
N GLU C 141 -15.51 27.22 6.69
CA GLU C 141 -15.25 26.48 5.46
C GLU C 141 -14.72 27.46 4.42
N LEU C 142 -13.47 27.29 4.01
CA LEU C 142 -12.81 28.18 3.06
C LEU C 142 -12.80 27.50 1.70
N ALA C 143 -13.46 28.11 0.72
CA ALA C 143 -13.56 27.58 -0.63
C ALA C 143 -13.07 28.62 -1.63
N GLY C 144 -12.66 28.14 -2.80
CA GLY C 144 -12.16 29.01 -3.84
C GLY C 144 -11.02 28.41 -4.65
N HIS C 145 -10.38 27.38 -4.10
CA HIS C 145 -9.31 26.71 -4.82
C HIS C 145 -9.86 25.87 -5.96
N THR C 146 -8.98 25.57 -6.93
CA THR C 146 -9.32 24.70 -8.06
C THR C 146 -8.49 23.43 -8.08
N GLY C 147 -7.95 23.03 -6.94
CA GLY C 147 -7.14 21.82 -6.85
C GLY C 147 -7.17 21.26 -5.46
N TYR C 148 -6.65 20.05 -5.33
CA TYR C 148 -6.64 19.36 -4.04
C TYR C 148 -5.67 20.05 -3.08
N LEU C 149 -6.11 20.20 -1.83
CA LEU C 149 -5.28 20.78 -0.80
C LEU C 149 -4.23 19.76 -0.33
N SER C 150 -2.97 20.15 -0.38
CA SER C 150 -1.87 19.25 -0.03
C SER C 150 -1.35 19.47 1.39
N CYS C 151 -1.23 20.72 1.82
CA CYS C 151 -0.72 21.02 3.15
C CYS C 151 -1.20 22.40 3.57
N CYS C 152 -1.31 22.59 4.89
CA CYS C 152 -1.74 23.86 5.44
C CYS C 152 -1.17 24.00 6.85
N ARG C 153 -0.82 25.23 7.21
CA ARG C 153 -0.25 25.53 8.53
C ARG C 153 -0.82 26.84 9.04
N PHE C 154 -0.94 26.94 10.36
CA PHE C 154 -1.49 28.15 10.98
C PHE C 154 -0.39 29.15 11.28
N LEU C 155 -0.66 30.42 10.99
CA LEU C 155 0.22 31.51 11.39
C LEU C 155 -0.28 32.25 12.64
N ASP C 156 -1.59 32.28 12.84
CA ASP C 156 -2.19 32.92 14.01
C ASP C 156 -3.60 32.36 14.17
N ASP C 157 -4.35 32.93 15.12
CA ASP C 157 -5.71 32.51 15.34
C ASP C 157 -6.70 33.13 14.37
N ASN C 158 -6.23 33.90 13.39
CA ASN C 158 -7.10 34.59 12.46
C ASN C 158 -6.69 34.43 11.00
N GLN C 159 -5.47 33.98 10.72
CA GLN C 159 -5.00 33.79 9.35
C GLN C 159 -4.38 32.40 9.22
N ILE C 160 -4.44 31.85 8.00
CA ILE C 160 -3.90 30.52 7.75
C ILE C 160 -3.51 30.42 6.28
N VAL C 161 -2.32 29.88 6.01
CA VAL C 161 -1.84 29.67 4.65
C VAL C 161 -2.20 28.25 4.22
N THR C 162 -2.57 28.09 2.95
CA THR C 162 -2.94 26.80 2.40
C THR C 162 -2.30 26.62 1.04
N SER C 163 -1.85 25.39 0.78
CA SER C 163 -1.25 25.01 -0.50
C SER C 163 -2.19 24.03 -1.20
N SER C 164 -2.53 24.33 -2.45
CA SER C 164 -3.46 23.53 -3.23
C SER C 164 -2.76 22.95 -4.46
N GLY C 165 -3.40 21.94 -5.03
CA GLY C 165 -2.87 21.27 -6.21
C GLY C 165 -2.97 22.04 -7.50
N ASP C 166 -3.51 23.27 -7.47
CA ASP C 166 -3.64 24.10 -8.65
C ASP C 166 -2.42 25.00 -8.87
N THR C 167 -1.25 24.61 -8.36
CA THR C 167 0.01 25.34 -8.48
C THR C 167 -0.02 26.69 -7.81
N THR C 168 -1.00 26.95 -6.94
CA THR C 168 -1.14 28.24 -6.27
C THR C 168 -1.29 28.03 -4.77
N CYS C 169 -0.86 29.01 -4.00
CA CYS C 169 -1.05 29.04 -2.56
C CYS C 169 -1.88 30.25 -2.18
N ALA C 170 -2.60 30.15 -1.05
CA ALA C 170 -3.51 31.21 -0.67
C ALA C 170 -3.48 31.43 0.84
N LEU C 171 -3.42 32.70 1.24
CA LEU C 171 -3.50 33.09 2.64
C LEU C 171 -4.93 33.53 2.94
N TRP C 172 -5.64 32.76 3.75
CA TRP C 172 -7.03 33.00 4.08
C TRP C 172 -7.15 33.64 5.46
N ASP C 173 -8.13 34.53 5.60
CA ASP C 173 -8.46 35.15 6.88
C ASP C 173 -9.64 34.41 7.49
N ILE C 174 -9.44 33.90 8.72
CA ILE C 174 -10.49 33.12 9.37
C ILE C 174 -11.73 33.96 9.64
N GLU C 175 -11.54 35.24 9.97
CA GLU C 175 -12.68 36.10 10.27
C GLU C 175 -13.49 36.39 9.02
N THR C 176 -12.83 36.80 7.93
CA THR C 176 -13.54 37.15 6.71
C THR C 176 -13.85 35.92 5.88
N GLY C 177 -12.84 35.13 5.53
CA GLY C 177 -13.04 33.96 4.71
C GLY C 177 -12.76 34.14 3.24
N GLN C 178 -11.83 35.04 2.89
CA GLN C 178 -11.48 35.30 1.51
C GLN C 178 -9.96 35.28 1.36
N GLN C 179 -9.51 35.12 0.12
CA GLN C 179 -8.09 35.10 -0.17
C GLN C 179 -7.49 36.49 0.02
N THR C 180 -6.56 36.63 0.96
CA THR C 180 -5.87 37.90 1.18
C THR C 180 -4.61 38.01 0.35
N THR C 181 -3.92 36.90 0.07
CA THR C 181 -2.73 36.91 -0.74
C THR C 181 -2.66 35.60 -1.52
N THR C 182 -2.39 35.70 -2.82
CA THR C 182 -2.35 34.55 -3.71
C THR C 182 -0.98 34.46 -4.35
N PHE C 183 -0.42 33.26 -4.38
CA PHE C 183 0.88 32.99 -4.97
C PHE C 183 0.69 32.03 -6.14
N THR C 184 1.00 32.49 -7.35
CA THR C 184 0.80 31.72 -8.58
C THR C 184 2.09 31.47 -9.33
N GLY C 185 3.24 31.65 -8.68
CA GLY C 185 4.52 31.49 -9.36
C GLY C 185 4.92 30.06 -9.62
N HIS C 186 4.33 29.10 -8.90
CA HIS C 186 4.70 27.71 -9.07
C HIS C 186 4.19 27.18 -10.41
N THR C 187 4.86 26.11 -10.88
CA THR C 187 4.48 25.44 -12.11
C THR C 187 3.83 24.09 -11.88
N GLY C 188 4.25 23.35 -10.85
CA GLY C 188 3.66 22.08 -10.51
C GLY C 188 2.80 22.15 -9.25
N ASP C 189 2.20 21.01 -8.92
CA ASP C 189 1.33 20.92 -7.76
C ASP C 189 2.15 21.09 -6.49
N VAL C 190 1.85 22.14 -5.72
CA VAL C 190 2.54 22.37 -4.45
C VAL C 190 2.16 21.26 -3.48
N MET C 191 3.17 20.51 -3.02
CA MET C 191 2.91 19.35 -2.17
C MET C 191 3.01 19.65 -0.69
N SER C 192 3.90 20.55 -0.28
CA SER C 192 4.07 20.85 1.13
C SER C 192 4.69 22.24 1.27
N LEU C 193 4.55 22.79 2.48
CA LEU C 193 5.13 24.08 2.81
C LEU C 193 5.42 24.12 4.31
N SER C 194 6.41 24.92 4.69
CA SER C 194 6.82 25.04 6.08
C SER C 194 6.97 26.51 6.43
N LEU C 195 6.47 26.90 7.60
CA LEU C 195 6.52 28.27 8.05
C LEU C 195 7.79 28.53 8.86
N ALA C 196 8.32 29.75 8.72
CA ALA C 196 9.50 30.16 9.47
C ALA C 196 9.12 30.42 10.93
N PRO C 197 10.11 30.37 11.83
CA PRO C 197 9.81 30.64 13.25
C PRO C 197 9.23 32.02 13.50
N ASP C 198 9.57 33.01 12.68
CA ASP C 198 9.06 34.36 12.84
C ASP C 198 7.79 34.62 12.04
N THR C 199 7.29 33.62 11.32
CA THR C 199 6.06 33.72 10.53
C THR C 199 6.11 34.86 9.52
N ARG C 200 7.31 35.13 8.98
CA ARG C 200 7.48 36.17 7.98
C ARG C 200 7.66 35.62 6.57
N LEU C 201 8.38 34.51 6.43
CA LEU C 201 8.62 33.88 5.13
C LEU C 201 8.26 32.41 5.22
N PHE C 202 8.07 31.79 4.06
CA PHE C 202 7.78 30.36 4.03
C PHE C 202 8.19 29.78 2.68
N VAL C 203 8.80 28.60 2.72
CA VAL C 203 9.24 27.89 1.52
C VAL C 203 8.20 26.84 1.17
N SER C 204 7.96 26.65 -0.12
CA SER C 204 6.99 25.68 -0.60
C SER C 204 7.54 24.95 -1.81
N GLY C 205 7.43 23.64 -1.81
CA GLY C 205 7.92 22.81 -2.90
C GLY C 205 6.75 22.28 -3.72
N ALA C 206 6.92 22.25 -5.04
CA ALA C 206 5.90 21.82 -5.97
C ALA C 206 6.40 20.64 -6.79
N CYS C 207 5.54 20.14 -7.69
CA CYS C 207 5.86 19.01 -8.55
C CYS C 207 6.69 19.41 -9.77
N ASP C 208 7.21 20.63 -9.81
CA ASP C 208 8.05 21.10 -10.90
C ASP C 208 9.54 20.96 -10.60
N ALA C 209 9.89 20.06 -9.68
CA ALA C 209 11.28 19.82 -9.28
C ALA C 209 11.95 21.09 -8.78
N SER C 210 11.20 21.95 -8.10
CA SER C 210 11.74 23.21 -7.60
C SER C 210 10.88 23.70 -6.45
N ALA C 211 11.51 24.44 -5.54
CA ALA C 211 10.84 25.06 -4.40
C ALA C 211 11.05 26.57 -4.47
N LYS C 212 10.11 27.30 -3.89
CA LYS C 212 10.12 28.76 -3.94
C LYS C 212 9.85 29.33 -2.56
N LEU C 213 10.50 30.45 -2.25
CA LEU C 213 10.28 31.18 -1.01
C LEU C 213 9.30 32.32 -1.25
N TRP C 214 8.37 32.49 -0.32
CA TRP C 214 7.34 33.52 -0.42
C TRP C 214 7.24 34.29 0.89
N ASP C 215 6.80 35.53 0.78
CA ASP C 215 6.61 36.41 1.93
C ASP C 215 5.13 36.48 2.28
N VAL C 216 4.86 36.55 3.59
CA VAL C 216 3.46 36.61 4.04
C VAL C 216 2.87 37.99 3.78
N ARG C 217 3.62 39.04 4.09
CA ARG C 217 3.11 40.41 3.94
C ARG C 217 3.38 40.98 2.56
N GLU C 218 4.53 40.67 1.96
CA GLU C 218 4.85 41.22 0.64
C GLU C 218 4.09 40.48 -0.45
N GLY C 219 3.93 39.17 -0.33
CA GLY C 219 3.19 38.40 -1.32
C GLY C 219 3.91 38.24 -2.64
N MET C 220 5.23 38.06 -2.61
CA MET C 220 6.01 37.89 -3.84
C MET C 220 7.08 36.84 -3.60
N CYS C 221 7.51 36.21 -4.69
CA CYS C 221 8.55 35.19 -4.60
C CYS C 221 9.91 35.83 -4.34
N ARG C 222 10.67 35.22 -3.44
CA ARG C 222 11.99 35.73 -3.06
C ARG C 222 13.11 34.98 -3.78
N GLN C 223 13.19 33.66 -3.61
CA GLN C 223 14.19 32.85 -4.26
C GLN C 223 13.57 31.54 -4.72
N THR C 224 14.28 30.87 -5.63
CA THR C 224 13.84 29.60 -6.20
C THR C 224 15.02 28.64 -6.25
N PHE C 225 14.83 27.45 -5.70
CA PHE C 225 15.87 26.43 -5.65
C PHE C 225 15.32 25.16 -6.29
N THR C 226 15.88 24.78 -7.43
CA THR C 226 15.41 23.56 -8.10
C THR C 226 16.02 22.33 -7.44
N GLY C 227 17.34 22.20 -7.50
CA GLY C 227 18.05 21.19 -6.72
C GLY C 227 17.80 19.76 -7.14
N HIS C 228 16.55 19.32 -7.07
CA HIS C 228 16.20 17.92 -7.26
C HIS C 228 16.00 17.61 -8.75
N GLU C 229 15.70 16.35 -9.03
CA GLU C 229 15.46 15.88 -10.38
C GLU C 229 14.06 15.31 -10.58
N SER C 230 13.25 15.24 -9.53
CA SER C 230 11.90 14.69 -9.60
C SER C 230 10.98 15.56 -8.77
N ASP C 231 9.76 15.09 -8.56
CA ASP C 231 8.76 15.86 -7.83
C ASP C 231 9.10 15.88 -6.34
N ILE C 232 9.10 17.08 -5.76
CA ILE C 232 9.34 17.24 -4.33
C ILE C 232 8.06 16.95 -3.58
N ASN C 233 8.13 16.03 -2.62
CA ASN C 233 6.94 15.60 -1.89
C ASN C 233 6.75 16.30 -0.56
N ALA C 234 7.83 16.65 0.13
CA ALA C 234 7.75 17.28 1.44
C ALA C 234 8.86 18.30 1.59
N ILE C 235 8.73 19.14 2.61
CA ILE C 235 9.70 20.20 2.87
C ILE C 235 9.52 20.66 4.32
N CYS C 236 10.64 20.93 4.98
CA CYS C 236 10.64 21.34 6.38
C CYS C 236 11.68 22.42 6.59
N PHE C 237 11.37 23.35 7.50
CA PHE C 237 12.24 24.48 7.79
C PHE C 237 13.24 24.12 8.89
N PHE C 238 14.41 24.74 8.83
CA PHE C 238 15.42 24.54 9.86
C PHE C 238 15.03 25.31 11.12
N PRO C 239 15.39 24.80 12.30
CA PRO C 239 15.02 25.50 13.54
C PRO C 239 15.53 26.93 13.62
N ASN C 240 16.64 27.25 12.95
CA ASN C 240 17.16 28.61 12.99
C ASN C 240 16.48 29.55 12.02
N GLY C 241 15.70 29.02 11.07
CA GLY C 241 15.00 29.85 10.11
C GLY C 241 15.83 30.33 8.94
N ASN C 242 16.98 29.71 8.69
CA ASN C 242 17.85 30.11 7.59
C ASN C 242 18.05 29.02 6.54
N ALA C 243 17.59 27.79 6.79
CA ALA C 243 17.78 26.70 5.86
C ALA C 243 16.52 25.85 5.82
N PHE C 244 16.50 24.90 4.89
CA PHE C 244 15.36 24.00 4.76
C PHE C 244 15.77 22.79 3.93
N ALA C 245 15.24 21.62 4.32
CA ALA C 245 15.50 20.37 3.62
C ALA C 245 14.29 19.97 2.79
N THR C 246 14.56 19.40 1.61
CA THR C 246 13.51 18.97 0.69
C THR C 246 13.77 17.52 0.30
N GLY C 247 12.69 16.76 0.22
CA GLY C 247 12.75 15.36 -0.21
C GLY C 247 11.92 15.16 -1.46
N SER C 248 12.44 14.37 -2.39
CA SER C 248 11.80 14.13 -3.67
C SER C 248 11.74 12.63 -3.93
N ASP C 249 11.16 12.27 -5.09
CA ASP C 249 11.02 10.86 -5.46
C ASP C 249 12.33 10.24 -5.92
N ASP C 250 13.38 11.03 -6.15
CA ASP C 250 14.66 10.53 -6.60
C ASP C 250 15.51 9.92 -5.48
N ALA C 251 14.90 9.66 -4.31
CA ALA C 251 15.58 9.03 -3.18
C ALA C 251 16.76 9.87 -2.67
N THR C 252 16.71 11.18 -2.89
CA THR C 252 17.76 12.08 -2.44
C THR C 252 17.13 13.26 -1.72
N CYS C 253 17.61 13.54 -0.52
CA CYS C 253 17.22 14.73 0.24
C CYS C 253 18.27 15.81 0.02
N ARG C 254 17.83 17.07 -0.07
CA ARG C 254 18.73 18.17 -0.35
C ARG C 254 18.47 19.31 0.62
N LEU C 255 19.54 19.86 1.20
CA LEU C 255 19.45 20.98 2.13
C LEU C 255 19.85 22.25 1.41
N PHE C 256 18.97 23.25 1.44
CA PHE C 256 19.21 24.55 0.83
C PHE C 256 19.20 25.63 1.90
N ASP C 257 19.85 26.74 1.58
CA ASP C 257 19.96 27.89 2.48
C ASP C 257 19.38 29.11 1.78
N LEU C 258 18.52 29.84 2.48
CA LEU C 258 17.93 31.04 1.90
C LEU C 258 18.96 32.15 1.76
N ARG C 259 19.94 32.22 2.68
CA ARG C 259 20.94 33.27 2.62
C ARG C 259 22.07 32.93 1.65
N ALA C 260 22.38 31.64 1.49
CA ALA C 260 23.43 31.23 0.57
C ALA C 260 22.94 31.05 -0.86
N ASP C 261 21.64 30.75 -1.03
CA ASP C 261 21.03 30.59 -2.36
C ASP C 261 21.72 29.48 -3.14
N GLN C 262 21.95 28.34 -2.49
CA GLN C 262 22.62 27.21 -3.12
C GLN C 262 22.35 25.96 -2.28
N GLU C 263 22.68 24.81 -2.85
CA GLU C 263 22.49 23.54 -2.18
C GLU C 263 23.62 23.30 -1.18
N LEU C 264 23.26 22.91 0.05
CA LEU C 264 24.23 22.71 1.11
C LEU C 264 24.74 21.27 1.17
N MET C 265 23.84 20.31 1.34
CA MET C 265 24.25 18.92 1.51
C MET C 265 23.18 17.99 0.93
N THR C 266 23.64 16.89 0.35
CA THR C 266 22.77 15.88 -0.24
C THR C 266 22.86 14.59 0.56
N TYR C 267 21.71 14.05 0.94
CA TYR C 267 21.62 12.81 1.71
C TYR C 267 20.99 11.75 0.82
N SER C 268 21.74 10.69 0.54
CA SER C 268 21.25 9.61 -0.31
C SER C 268 22.10 8.37 -0.06
N HIS C 269 21.64 7.25 -0.61
CA HIS C 269 22.34 5.98 -0.48
C HIS C 269 22.10 5.16 -1.73
N ASP C 270 23.02 4.22 -1.99
CA ASP C 270 22.93 3.41 -3.20
C ASP C 270 21.76 2.44 -3.13
N ASN C 271 21.55 1.82 -1.97
CA ASN C 271 20.47 0.85 -1.82
C ASN C 271 19.10 1.49 -1.67
N ILE C 272 19.02 2.80 -1.56
CA ILE C 272 17.76 3.52 -1.42
C ILE C 272 17.32 3.99 -2.80
N ILE C 273 16.24 3.39 -3.31
CA ILE C 273 15.70 3.75 -4.62
C ILE C 273 14.23 4.11 -4.46
N CYS C 274 13.84 4.52 -3.26
CA CYS C 274 12.46 4.86 -2.96
C CYS C 274 12.35 6.33 -2.58
N GLY C 275 11.22 6.94 -2.93
CA GLY C 275 11.03 8.35 -2.73
C GLY C 275 10.79 8.71 -1.27
N ILE C 276 10.97 10.00 -0.98
CA ILE C 276 10.76 10.54 0.36
C ILE C 276 9.34 11.05 0.48
N THR C 277 8.69 10.74 1.60
CA THR C 277 7.32 11.15 1.85
C THR C 277 7.21 12.32 2.81
N SER C 278 8.04 12.37 3.86
CA SER C 278 7.97 13.44 4.84
C SER C 278 9.34 13.62 5.48
N VAL C 279 9.67 14.87 5.79
CA VAL C 279 10.93 15.21 6.45
C VAL C 279 10.65 16.18 7.58
N SER C 280 11.51 16.15 8.60
CA SER C 280 11.38 17.03 9.75
C SER C 280 12.72 17.08 10.48
N PHE C 281 12.94 18.20 11.17
CA PHE C 281 14.15 18.42 11.94
C PHE C 281 13.85 18.34 13.43
N SER C 282 14.89 18.05 14.22
CA SER C 282 14.77 18.01 15.66
C SER C 282 14.85 19.43 16.21
N LYS C 283 14.98 19.56 17.53
CA LYS C 283 15.09 20.88 18.14
C LYS C 283 16.40 21.56 17.78
N SER C 284 17.49 20.80 17.73
CA SER C 284 18.80 21.34 17.40
C SER C 284 19.09 21.33 15.91
N GLY C 285 18.43 20.45 15.14
CA GLY C 285 18.64 20.36 13.72
C GLY C 285 19.81 19.49 13.30
N ARG C 286 20.46 18.79 14.23
CA ARG C 286 21.58 17.94 13.89
C ARG C 286 21.12 16.67 13.16
N LEU C 287 19.98 16.13 13.57
CA LEU C 287 19.44 14.91 12.98
C LEU C 287 18.27 15.26 12.07
N LEU C 288 18.24 14.65 10.88
CA LEU C 288 17.18 14.87 9.91
C LEU C 288 16.45 13.55 9.67
N LEU C 289 15.17 13.50 10.03
CA LEU C 289 14.36 12.31 9.85
C LEU C 289 13.63 12.37 8.52
N ALA C 290 13.57 11.23 7.83
CA ALA C 290 12.91 11.14 6.54
C ALA C 290 12.26 9.79 6.38
N GLY C 291 10.97 9.79 6.01
CA GLY C 291 10.25 8.56 5.74
C GLY C 291 10.35 8.20 4.27
N TYR C 292 10.58 6.91 4.01
CA TYR C 292 10.77 6.41 2.66
C TYR C 292 9.69 5.39 2.33
N ASP C 293 9.59 5.05 1.04
CA ASP C 293 8.61 4.08 0.56
C ASP C 293 9.01 2.64 0.86
N ASP C 294 10.17 2.41 1.48
CA ASP C 294 10.62 1.06 1.83
C ASP C 294 10.06 0.57 3.16
N PHE C 295 8.95 1.16 3.62
CA PHE C 295 8.27 0.83 4.87
C PHE C 295 9.10 1.16 6.09
N ASN C 296 10.15 1.97 5.95
CA ASN C 296 11.01 2.34 7.07
C ASN C 296 11.31 3.83 7.02
N CYS C 297 11.83 4.34 8.13
CA CYS C 297 12.24 5.73 8.26
C CYS C 297 13.71 5.79 8.63
N ASN C 298 14.42 6.76 8.06
CA ASN C 298 15.85 6.90 8.26
C ASN C 298 16.16 8.26 8.85
N VAL C 299 17.01 8.29 9.88
CA VAL C 299 17.48 9.51 10.51
C VAL C 299 18.93 9.67 10.13
N TRP C 300 19.23 10.71 9.34
CA TRP C 300 20.57 11.00 8.87
C TRP C 300 21.19 12.15 9.65
N ASP C 301 22.51 12.28 9.52
CA ASP C 301 23.24 13.38 10.14
C ASP C 301 23.23 14.57 9.18
N ALA C 302 22.66 15.69 9.64
CA ALA C 302 22.57 16.87 8.79
C ALA C 302 23.92 17.49 8.49
N LEU C 303 24.95 17.17 9.27
CA LEU C 303 26.27 17.73 9.07
C LEU C 303 27.28 16.75 8.49
N LYS C 304 27.04 15.45 8.60
CA LYS C 304 27.96 14.44 8.08
C LYS C 304 27.41 13.65 6.91
N ALA C 305 26.09 13.67 6.68
CA ALA C 305 25.45 12.91 5.61
C ALA C 305 25.69 11.41 5.75
N ASP C 306 25.57 10.91 6.97
CA ASP C 306 25.68 9.49 7.26
C ASP C 306 24.40 9.00 7.91
N ARG C 307 24.08 7.72 7.66
CA ARG C 307 22.89 7.11 8.24
C ARG C 307 23.10 6.95 9.74
N ALA C 308 22.44 7.80 10.54
CA ALA C 308 22.60 7.75 11.98
C ALA C 308 21.70 6.69 12.62
N GLY C 309 20.49 6.50 12.10
CA GLY C 309 19.58 5.54 12.69
C GLY C 309 18.50 5.12 11.72
N VAL C 310 17.89 3.97 12.02
CA VAL C 310 16.78 3.44 11.25
C VAL C 310 15.65 3.11 12.20
N LEU C 311 14.50 3.76 12.03
CA LEU C 311 13.33 3.54 12.87
C LEU C 311 12.40 2.56 12.16
N ALA C 312 12.78 1.28 12.21
CA ALA C 312 12.02 0.23 11.56
C ALA C 312 10.93 -0.29 12.49
N GLY C 313 9.87 -0.84 11.88
CA GLY C 313 8.76 -1.37 12.64
C GLY C 313 7.42 -1.12 12.00
N HIS C 314 7.39 -0.29 10.96
CA HIS C 314 6.15 0.00 10.26
C HIS C 314 5.85 -1.07 9.24
N ASP C 315 4.58 -1.50 9.19
CA ASP C 315 4.13 -2.54 8.29
C ASP C 315 3.59 -1.99 6.96
N ASN C 316 3.70 -0.68 6.74
CA ASN C 316 3.21 -0.07 5.51
C ASN C 316 4.06 1.17 5.21
N ARG C 317 3.69 1.87 4.14
CA ARG C 317 4.43 3.05 3.71
C ARG C 317 4.34 4.15 4.75
N VAL C 318 5.49 4.68 5.16
CA VAL C 318 5.52 5.81 6.09
C VAL C 318 4.99 7.05 5.39
N SER C 319 4.01 7.71 6.02
CA SER C 319 3.31 8.82 5.41
C SER C 319 3.67 10.17 5.99
N CYS C 320 3.90 10.26 7.30
CA CYS C 320 4.12 11.56 7.92
C CYS C 320 5.02 11.41 9.14
N LEU C 321 5.81 12.46 9.39
CA LEU C 321 6.67 12.54 10.56
C LEU C 321 6.40 13.85 11.29
N GLY C 322 6.62 13.84 12.61
CA GLY C 322 6.41 15.04 13.39
C GLY C 322 7.31 15.12 14.61
N VAL C 323 8.00 16.25 14.77
CA VAL C 323 8.91 16.48 15.89
C VAL C 323 8.30 17.56 16.78
N THR C 324 8.30 17.31 18.08
CA THR C 324 7.74 18.26 19.03
C THR C 324 8.58 19.53 19.09
N ASP C 325 8.07 20.53 19.82
CA ASP C 325 8.80 21.79 19.95
C ASP C 325 10.08 21.61 20.76
N ASP C 326 10.04 20.79 21.81
CA ASP C 326 11.21 20.52 22.62
C ASP C 326 12.07 19.37 22.09
N GLY C 327 11.60 18.66 21.06
CA GLY C 327 12.37 17.57 20.49
C GLY C 327 12.56 16.38 21.41
N MET C 328 11.60 16.11 22.28
CA MET C 328 11.70 15.01 23.23
C MET C 328 11.15 13.70 22.68
N ALA C 329 10.34 13.75 21.62
CA ALA C 329 9.81 12.54 21.01
C ALA C 329 9.41 12.86 19.59
N VAL C 330 9.32 11.82 18.75
CA VAL C 330 8.98 11.97 17.35
C VAL C 330 7.83 11.02 17.02
N ALA C 331 6.77 11.56 16.43
CA ALA C 331 5.63 10.76 16.01
C ALA C 331 5.77 10.37 14.55
N THR C 332 5.49 9.12 14.24
CA THR C 332 5.56 8.59 12.89
C THR C 332 4.22 7.96 12.54
N GLY C 333 3.61 8.43 11.47
CA GLY C 333 2.34 7.89 11.00
C GLY C 333 2.50 7.26 9.64
N SER C 334 2.02 6.03 9.50
CA SER C 334 2.14 5.26 8.27
C SER C 334 0.75 4.89 7.76
N TRP C 335 0.72 4.23 6.61
CA TRP C 335 -0.54 3.81 6.00
C TRP C 335 -1.16 2.61 6.72
N ASP C 336 -0.50 2.06 7.73
CA ASP C 336 -1.04 0.95 8.49
C ASP C 336 -2.06 1.38 9.54
N SER C 337 -2.49 2.64 9.51
CA SER C 337 -3.48 3.19 10.45
C SER C 337 -2.99 3.14 11.89
N PHE C 338 -1.68 3.27 12.09
CA PHE C 338 -1.09 3.30 13.43
C PHE C 338 -0.05 4.41 13.51
N LEU C 339 0.00 5.07 14.66
CA LEU C 339 1.02 6.07 14.94
C LEU C 339 1.96 5.55 16.02
N LYS C 340 3.26 5.78 15.83
CA LYS C 340 4.28 5.30 16.75
C LYS C 340 5.11 6.47 17.26
N ILE C 341 5.24 6.56 18.58
CA ILE C 341 6.05 7.59 19.23
C ILE C 341 7.42 6.99 19.56
N TRP C 342 8.48 7.64 19.08
CA TRP C 342 9.84 7.17 19.27
C TRP C 342 10.62 8.18 20.10
N ASN C 343 11.50 7.66 20.95
CA ASN C 343 12.36 8.51 21.79
C ASN C 343 13.65 7.79 22.12
N GLN D 23 19.19 22.10 -12.94
CA GLN D 23 17.83 22.24 -13.46
C GLN D 23 17.60 21.28 -14.62
N VAL D 24 16.43 20.63 -14.62
CA VAL D 24 16.08 19.70 -15.69
C VAL D 24 15.90 20.46 -17.00
N GLN D 25 16.55 19.99 -18.05
CA GLN D 25 16.47 20.64 -19.35
C GLN D 25 16.51 19.59 -20.45
N LEU D 26 15.61 19.72 -21.42
CA LEU D 26 15.54 18.82 -22.57
C LEU D 26 15.56 19.67 -23.83
N GLN D 27 16.54 19.42 -24.70
CA GLN D 27 16.72 20.16 -25.93
C GLN D 27 16.56 19.22 -27.12
N GLU D 28 15.51 19.41 -27.91
CA GLU D 28 15.25 18.59 -29.07
C GLU D 28 15.66 19.32 -30.34
N SER D 29 16.16 18.55 -31.31
CA SER D 29 16.60 19.12 -32.58
C SER D 29 16.50 18.06 -33.67
N GLY D 30 16.65 18.49 -34.91
CA GLY D 30 16.60 17.61 -36.05
C GLY D 30 15.37 17.74 -36.93
N GLY D 31 14.51 18.72 -36.70
CA GLY D 31 13.30 18.89 -37.47
C GLY D 31 13.45 19.95 -38.55
N GLY D 32 12.66 19.80 -39.61
CA GLY D 32 12.71 20.76 -40.70
C GLY D 32 11.69 20.41 -41.76
N LEU D 33 11.78 21.13 -42.88
CA LEU D 33 10.87 20.91 -44.00
C LEU D 33 11.37 19.72 -44.82
N VAL D 34 10.56 18.67 -44.87
CA VAL D 34 10.91 17.44 -45.57
C VAL D 34 9.75 17.04 -46.47
N GLN D 35 10.06 16.66 -47.71
CA GLN D 35 9.05 16.20 -48.64
C GLN D 35 8.47 14.87 -48.17
N PRO D 36 7.23 14.57 -48.57
CA PRO D 36 6.63 13.29 -48.18
C PRO D 36 7.42 12.11 -48.73
N GLY D 37 7.84 11.23 -47.83
CA GLY D 37 8.64 10.08 -48.18
C GLY D 37 10.11 10.18 -47.83
N GLY D 38 10.53 11.23 -47.13
CA GLY D 38 11.91 11.40 -46.75
C GLY D 38 12.25 10.66 -45.48
N SER D 39 13.29 11.15 -44.80
CA SER D 39 13.74 10.56 -43.55
C SER D 39 14.27 11.65 -42.64
N LEU D 40 14.19 11.41 -41.34
CA LEU D 40 14.65 12.36 -40.34
C LEU D 40 15.25 11.62 -39.15
N ARG D 41 16.09 12.33 -38.41
CA ARG D 41 16.76 11.79 -37.22
C ARG D 41 16.69 12.84 -36.12
N LEU D 42 15.66 12.75 -35.29
CA LEU D 42 15.50 13.67 -34.16
C LEU D 42 16.43 13.25 -33.02
N SER D 43 17.02 14.25 -32.36
CA SER D 43 17.93 14.02 -31.26
C SER D 43 17.54 14.91 -30.09
N CYS D 44 17.40 14.31 -28.92
CA CYS D 44 17.03 15.02 -27.69
C CYS D 44 18.16 14.86 -26.68
N ALA D 45 18.73 15.99 -26.25
CA ALA D 45 19.77 16.01 -25.24
C ALA D 45 19.15 16.39 -23.89
N ALA D 46 19.51 15.62 -22.86
CA ALA D 46 19.00 15.83 -21.52
C ALA D 46 20.11 16.32 -20.59
N SER D 47 19.74 17.20 -19.67
CA SER D 47 20.70 17.72 -18.70
C SER D 47 19.98 17.98 -17.38
N GLY D 48 20.72 17.81 -16.28
CA GLY D 48 20.19 18.03 -14.95
C GLY D 48 19.73 16.80 -14.22
N PHE D 49 19.85 15.61 -14.84
CA PHE D 49 19.43 14.38 -14.19
C PHE D 49 20.13 13.21 -14.88
N THR D 50 20.02 12.04 -14.28
CA THR D 50 20.64 10.82 -14.80
C THR D 50 19.75 10.28 -15.92
N PHE D 51 20.28 10.26 -17.14
CA PHE D 51 19.50 9.79 -18.29
C PHE D 51 19.26 8.28 -18.23
N SER D 52 20.20 7.53 -17.66
CA SER D 52 20.11 6.07 -17.67
C SER D 52 19.16 5.53 -16.61
N ASN D 53 18.69 6.37 -15.69
CA ASN D 53 17.84 5.92 -14.58
C ASN D 53 16.40 6.37 -14.72
N TYR D 54 15.97 6.77 -15.91
CA TYR D 54 14.60 7.22 -16.12
C TYR D 54 14.08 6.70 -17.46
N LYS D 55 12.77 6.46 -17.52
CA LYS D 55 12.10 6.02 -18.72
C LYS D 55 11.72 7.20 -19.59
N MET D 56 11.94 7.08 -20.90
CA MET D 56 11.73 8.18 -21.83
C MET D 56 10.56 7.89 -22.75
N ASN D 57 9.93 8.96 -23.25
CA ASN D 57 8.80 8.85 -24.15
C ASN D 57 8.89 9.96 -25.20
N TRP D 58 8.43 9.64 -26.41
CA TRP D 58 8.25 10.62 -27.47
C TRP D 58 6.77 10.74 -27.78
N VAL D 59 6.27 11.98 -27.79
CA VAL D 59 4.88 12.28 -28.10
C VAL D 59 4.86 13.33 -29.20
N ARG D 60 3.67 13.55 -29.77
CA ARG D 60 3.51 14.51 -30.84
C ARG D 60 2.24 15.33 -30.61
N GLN D 61 2.24 16.54 -31.17
CA GLN D 61 1.08 17.44 -31.11
C GLN D 61 0.86 18.00 -32.50
N ALA D 62 -0.32 17.74 -33.07
CA ALA D 62 -0.67 18.21 -34.40
C ALA D 62 -1.37 19.57 -34.32
N PRO D 63 -1.24 20.39 -35.36
CA PRO D 63 -1.95 21.69 -35.38
C PRO D 63 -3.45 21.47 -35.32
N GLY D 64 -4.08 22.10 -34.33
CA GLY D 64 -5.50 21.94 -34.10
C GLY D 64 -5.90 20.73 -33.29
N LYS D 65 -4.99 19.78 -33.09
CA LYS D 65 -5.26 18.57 -32.31
C LYS D 65 -4.52 18.63 -30.98
N GLY D 66 -4.82 17.67 -30.11
CA GLY D 66 -4.21 17.58 -28.81
C GLY D 66 -2.91 16.81 -28.82
N LEU D 67 -2.42 16.50 -27.62
CA LEU D 67 -1.17 15.76 -27.47
C LEU D 67 -1.41 14.28 -27.73
N GLU D 68 -0.59 13.69 -28.59
CA GLU D 68 -0.69 12.29 -28.97
C GLU D 68 0.62 11.58 -28.67
N TRP D 69 0.53 10.46 -27.96
CA TRP D 69 1.72 9.67 -27.63
C TRP D 69 2.17 8.88 -28.85
N VAL D 70 3.50 8.81 -29.04
CA VAL D 70 4.10 8.13 -30.18
C VAL D 70 4.80 6.85 -29.75
N SER D 71 5.79 6.95 -28.86
CA SER D 71 6.59 5.79 -28.49
C SER D 71 7.14 5.96 -27.09
N ASP D 72 7.63 4.86 -26.52
CA ASP D 72 8.25 4.88 -25.21
C ASP D 72 9.37 3.85 -25.18
N ILE D 73 10.39 4.15 -24.37
CA ILE D 73 11.53 3.25 -24.16
C ILE D 73 11.95 3.35 -22.70
N SER D 74 12.28 2.20 -22.11
CA SER D 74 12.63 2.12 -20.71
C SER D 74 14.08 2.56 -20.50
N GLN D 75 14.60 2.31 -19.29
CA GLN D 75 15.97 2.73 -18.97
C GLN D 75 16.99 1.92 -19.76
N SER D 76 16.98 0.60 -19.59
CA SER D 76 17.94 -0.27 -20.26
C SER D 76 17.62 -0.49 -21.74
N GLY D 77 16.52 0.05 -22.24
CA GLY D 77 16.16 -0.10 -23.63
C GLY D 77 15.59 -1.46 -23.99
N ALA D 78 15.31 -2.32 -23.01
CA ALA D 78 14.76 -3.63 -23.31
C ALA D 78 13.28 -3.52 -23.69
N SER D 79 12.51 -2.71 -22.96
CA SER D 79 11.10 -2.54 -23.23
C SER D 79 10.91 -1.31 -24.11
N ILE D 80 10.59 -1.55 -25.39
CA ILE D 80 10.36 -0.48 -26.36
C ILE D 80 8.97 -0.68 -26.96
N SER D 81 8.17 0.38 -26.98
CA SER D 81 6.81 0.28 -27.51
C SER D 81 6.53 1.47 -28.41
N TYR D 82 5.70 1.23 -29.43
CA TYR D 82 5.30 2.24 -30.39
C TYR D 82 3.79 2.24 -30.52
N THR D 83 3.25 3.37 -30.98
CA THR D 83 1.82 3.47 -31.22
C THR D 83 1.47 2.81 -32.55
N GLY D 84 0.18 2.49 -32.70
CA GLY D 84 -0.28 1.82 -33.90
C GLY D 84 -0.23 2.68 -35.15
N SER D 85 -0.11 4.00 -34.99
CA SER D 85 -0.08 4.87 -36.16
C SER D 85 1.27 4.87 -36.85
N VAL D 86 2.36 4.72 -36.10
CA VAL D 86 3.70 4.75 -36.65
C VAL D 86 4.45 3.44 -36.42
N LYS D 87 3.75 2.38 -36.03
CA LYS D 87 4.40 1.11 -35.76
C LYS D 87 4.99 0.53 -37.04
N GLY D 88 6.30 0.27 -37.02
CA GLY D 88 7.00 -0.30 -38.15
C GLY D 88 7.80 0.70 -38.97
N ARG D 89 7.56 1.99 -38.79
CA ARG D 89 8.26 3.02 -39.55
C ARG D 89 9.26 3.83 -38.72
N PHE D 90 8.95 4.11 -37.46
CA PHE D 90 9.84 4.87 -36.60
C PHE D 90 10.62 3.93 -35.68
N THR D 91 11.80 4.37 -35.26
CA THR D 91 12.63 3.59 -34.35
C THR D 91 13.31 4.52 -33.36
N ILE D 92 13.16 4.21 -32.07
CA ILE D 92 13.70 5.03 -30.99
C ILE D 92 14.84 4.27 -30.33
N SER D 93 15.87 5.01 -29.90
CA SER D 93 17.03 4.40 -29.26
C SER D 93 17.62 5.40 -28.26
N ARG D 94 18.47 4.88 -27.38
CA ARG D 94 19.10 5.66 -26.34
C ARG D 94 20.62 5.58 -26.45
N ASP D 95 21.29 6.57 -25.87
CA ASP D 95 22.74 6.61 -25.78
C ASP D 95 23.09 7.07 -24.37
N ASN D 96 23.40 6.11 -23.50
CA ASN D 96 23.74 6.43 -22.11
C ASN D 96 25.13 7.05 -21.99
N ALA D 97 26.04 6.75 -22.92
CA ALA D 97 27.36 7.38 -22.90
C ALA D 97 27.26 8.88 -23.21
N LYS D 98 26.42 9.24 -24.17
CA LYS D 98 26.18 10.65 -24.49
C LYS D 98 24.90 11.18 -23.87
N ASN D 99 24.08 10.31 -23.26
CA ASN D 99 22.81 10.71 -22.66
C ASN D 99 21.90 11.39 -23.68
N THR D 100 21.73 10.76 -24.83
CA THR D 100 20.95 11.33 -25.92
C THR D 100 19.89 10.34 -26.39
N LEU D 101 18.69 10.86 -26.63
CA LEU D 101 17.58 10.06 -27.12
C LEU D 101 17.42 10.30 -28.61
N TYR D 102 17.61 9.26 -29.42
CA TYR D 102 17.54 9.36 -30.87
C TYR D 102 16.24 8.74 -31.37
N LEU D 103 15.70 9.33 -32.44
CA LEU D 103 14.47 8.84 -33.06
C LEU D 103 14.61 8.95 -34.56
N GLN D 104 14.77 7.81 -35.24
CA GLN D 104 14.86 7.77 -36.69
C GLN D 104 13.47 7.55 -37.26
N MET D 105 13.01 8.49 -38.07
CA MET D 105 11.69 8.45 -38.68
C MET D 105 11.85 8.26 -40.19
N ASN D 106 11.32 7.17 -40.72
CA ASN D 106 11.39 6.86 -42.13
C ASN D 106 9.99 6.81 -42.72
N SER D 107 9.90 7.08 -44.02
CA SER D 107 8.64 7.09 -44.76
C SER D 107 7.65 8.07 -44.14
N LEU D 108 8.02 9.35 -44.17
CA LEU D 108 7.19 10.40 -43.60
C LEU D 108 5.91 10.57 -44.42
N LYS D 109 4.81 10.85 -43.74
CA LYS D 109 3.51 11.04 -44.35
C LYS D 109 3.02 12.45 -44.09
N PRO D 110 2.11 12.96 -44.93
CA PRO D 110 1.60 14.32 -44.71
C PRO D 110 0.93 14.52 -43.36
N GLU D 111 0.21 13.50 -42.87
CA GLU D 111 -0.44 13.61 -41.57
C GLU D 111 0.54 13.53 -40.40
N ASP D 112 1.80 13.15 -40.66
CA ASP D 112 2.80 13.10 -39.61
C ASP D 112 3.37 14.47 -39.25
N THR D 113 2.95 15.53 -39.94
CA THR D 113 3.44 16.87 -39.64
C THR D 113 2.92 17.30 -38.27
N ALA D 114 3.81 17.33 -37.29
CA ALA D 114 3.43 17.68 -35.92
C ALA D 114 4.69 18.04 -35.14
N VAL D 115 4.48 18.75 -34.04
CA VAL D 115 5.58 19.14 -33.15
C VAL D 115 5.83 17.99 -32.19
N TYR D 116 7.07 17.49 -32.17
CA TYR D 116 7.44 16.34 -31.36
C TYR D 116 8.03 16.80 -30.03
N TYR D 117 7.61 16.16 -28.95
CA TYR D 117 8.07 16.47 -27.61
C TYR D 117 8.63 15.21 -26.94
N CYS D 118 9.56 15.42 -26.01
CA CYS D 118 10.17 14.35 -25.25
C CYS D 118 9.78 14.48 -23.79
N ALA D 119 9.26 13.39 -23.23
CA ALA D 119 8.80 13.35 -21.84
C ALA D 119 9.63 12.36 -21.05
N ARG D 120 9.83 12.66 -19.77
CA ARG D 120 10.60 11.83 -18.86
C ARG D 120 9.72 11.41 -17.69
N CYS D 121 9.88 10.16 -17.25
CA CYS D 121 9.05 9.64 -16.18
C CYS D 121 9.32 10.39 -14.87
N PRO D 122 8.28 10.71 -14.10
CA PRO D 122 8.51 11.49 -12.88
C PRO D 122 9.25 10.73 -11.79
N ALA D 123 8.93 9.44 -11.60
CA ALA D 123 9.57 8.67 -10.54
C ALA D 123 10.64 7.75 -11.12
N PRO D 124 11.82 7.70 -10.52
CA PRO D 124 12.87 6.79 -11.03
C PRO D 124 12.60 5.35 -10.63
N PHE D 125 13.25 4.44 -11.37
CA PHE D 125 13.14 3.01 -11.15
C PHE D 125 11.70 2.52 -11.24
N THR D 126 10.88 3.19 -12.04
CA THR D 126 9.48 2.84 -12.21
C THR D 126 9.19 2.63 -13.69
N ARG D 127 7.99 2.15 -13.98
CA ARG D 127 7.56 1.88 -15.35
C ARG D 127 6.22 2.52 -15.70
N ASP D 128 5.63 3.29 -14.81
CA ASP D 128 4.35 3.95 -15.07
C ASP D 128 4.61 5.33 -15.63
N CYS D 129 4.19 5.57 -16.86
CA CYS D 129 4.38 6.85 -17.54
C CYS D 129 3.18 7.75 -17.29
N PHE D 130 3.11 8.27 -16.08
CA PHE D 130 2.01 9.13 -15.68
C PHE D 130 2.28 10.58 -16.08
N ASP D 131 1.23 11.28 -16.50
CA ASP D 131 1.27 12.70 -16.85
C ASP D 131 2.23 13.00 -18.00
N VAL D 132 2.58 11.99 -18.80
CA VAL D 132 3.46 12.21 -19.94
C VAL D 132 2.75 12.96 -21.06
N THR D 133 1.42 12.88 -21.12
CA THR D 133 0.62 13.57 -22.12
C THR D 133 -0.11 14.78 -21.56
N SER D 134 0.32 15.29 -20.42
CA SER D 134 -0.34 16.45 -19.83
C SER D 134 0.05 17.72 -20.57
N THR D 135 -0.87 18.71 -20.53
CA THR D 135 -0.62 19.98 -21.20
C THR D 135 0.54 20.73 -20.56
N THR D 136 0.57 20.77 -19.23
CA THR D 136 1.63 21.45 -18.48
C THR D 136 2.49 20.39 -17.81
N TYR D 137 3.70 20.21 -18.32
CA TYR D 137 4.64 19.21 -17.80
C TYR D 137 6.02 19.83 -17.73
N ALA D 138 6.65 19.73 -16.54
CA ALA D 138 7.94 20.38 -16.34
C ALA D 138 9.07 19.61 -17.03
N TYR D 139 9.03 18.27 -16.97
CA TYR D 139 10.10 17.45 -17.52
C TYR D 139 9.83 17.16 -19.00
N ARG D 140 9.67 18.24 -19.76
CA ARG D 140 9.42 18.15 -21.19
C ARG D 140 9.98 19.38 -21.88
N GLY D 141 10.66 19.18 -23.00
CA GLY D 141 11.27 20.27 -23.72
C GLY D 141 10.25 21.13 -24.45
N GLN D 142 10.76 22.14 -25.14
CA GLN D 142 9.91 23.06 -25.88
C GLN D 142 9.43 22.48 -27.21
N GLY D 143 10.07 21.43 -27.70
CA GLY D 143 9.66 20.80 -28.94
C GLY D 143 10.32 21.43 -30.16
N THR D 144 10.27 20.68 -31.26
CA THR D 144 10.84 21.12 -32.53
C THR D 144 9.82 20.96 -33.64
N GLN D 145 9.87 21.86 -34.61
CA GLN D 145 8.95 21.82 -35.74
C GLN D 145 9.40 20.77 -36.75
N VAL D 146 8.48 19.88 -37.12
CA VAL D 146 8.74 18.81 -38.07
C VAL D 146 7.64 18.83 -39.11
N THR D 147 8.02 18.97 -40.38
CA THR D 147 7.07 19.00 -41.47
C THR D 147 7.46 18.05 -42.59
N SER E 8 0.17 34.06 -24.67
CA SER E 8 1.14 33.07 -24.20
C SER E 8 2.44 33.72 -23.79
N ILE E 9 2.68 34.93 -24.29
CA ILE E 9 3.91 35.67 -23.96
C ILE E 9 3.85 36.34 -22.61
N ALA E 10 2.65 36.48 -22.02
CA ALA E 10 2.55 37.09 -20.69
C ALA E 10 3.22 36.22 -19.64
N GLN E 11 3.10 34.89 -19.77
CA GLN E 11 3.78 34.01 -18.83
C GLN E 11 5.29 34.14 -18.94
N ALA E 12 5.80 34.27 -20.16
CA ALA E 12 7.24 34.45 -20.35
C ALA E 12 7.71 35.80 -19.80
N ARG E 13 6.88 36.84 -19.96
CA ARG E 13 7.23 38.13 -19.38
C ARG E 13 7.26 38.06 -17.86
N LYS E 14 6.29 37.39 -17.26
CA LYS E 14 6.29 37.23 -15.81
C LYS E 14 7.51 36.42 -15.36
N LEU E 15 7.89 35.40 -16.14
CA LEU E 15 9.03 34.58 -15.78
C LEU E 15 10.32 35.40 -15.83
N VAL E 16 10.52 36.17 -16.89
CA VAL E 16 11.75 36.97 -16.99
C VAL E 16 11.75 38.08 -15.95
N GLU E 17 10.57 38.61 -15.59
CA GLU E 17 10.51 39.60 -14.51
C GLU E 17 10.90 38.99 -13.18
N GLN E 18 10.41 37.78 -12.89
CA GLN E 18 10.80 37.09 -11.67
C GLN E 18 12.29 36.78 -11.66
N LEU E 19 12.84 36.42 -12.82
CA LEU E 19 14.29 36.16 -12.90
C LEU E 19 15.09 37.43 -12.64
N LYS E 20 14.65 38.56 -13.20
CA LYS E 20 15.33 39.82 -12.94
C LYS E 20 15.24 40.21 -11.47
N MET E 21 14.08 39.96 -10.85
CA MET E 21 13.94 40.27 -9.43
C MET E 21 14.82 39.39 -8.56
N GLU E 22 14.93 38.11 -8.90
CA GLU E 22 15.78 37.20 -8.14
C GLU E 22 17.26 37.37 -8.43
N ALA E 23 17.62 38.00 -9.54
CA ALA E 23 19.02 38.21 -9.86
C ALA E 23 19.67 39.28 -8.99
N ASN E 24 18.88 40.19 -8.43
CA ASN E 24 19.39 41.27 -7.59
C ASN E 24 19.43 40.90 -6.11
N ILE E 25 19.43 39.61 -5.79
CA ILE E 25 19.45 39.17 -4.39
C ILE E 25 20.89 39.16 -3.90
N ASP E 26 21.11 39.77 -2.74
CA ASP E 26 22.44 39.82 -2.14
C ASP E 26 22.78 38.45 -1.56
N ARG E 27 23.60 37.70 -2.28
CA ARG E 27 24.00 36.35 -1.86
C ARG E 27 25.33 36.39 -1.12
N ILE E 28 25.57 35.35 -0.32
CA ILE E 28 26.79 35.25 0.48
C ILE E 28 27.52 33.96 0.10
N LYS E 29 28.65 33.72 0.75
CA LYS E 29 29.44 32.52 0.49
C LYS E 29 28.88 31.34 1.27
N VAL E 30 29.24 30.13 0.80
CA VAL E 30 28.75 28.92 1.45
C VAL E 30 29.48 28.66 2.76
N SER E 31 30.72 29.14 2.88
CA SER E 31 31.49 28.89 4.11
C SER E 31 30.86 29.59 5.31
N LYS E 32 30.37 30.81 5.12
CA LYS E 32 29.74 31.54 6.23
C LYS E 32 28.47 30.85 6.70
N ALA E 33 27.63 30.42 5.75
CA ALA E 33 26.40 29.72 6.12
C ALA E 33 26.72 28.38 6.79
N ALA E 34 27.76 27.69 6.31
CA ALA E 34 28.17 26.43 6.92
C ALA E 34 28.62 26.65 8.37
N ALA E 35 29.44 27.68 8.58
CA ALA E 35 29.90 27.98 9.94
C ALA E 35 28.72 28.37 10.84
N ASP E 36 27.78 29.15 10.32
CA ASP E 36 26.62 29.54 11.12
C ASP E 36 25.78 28.33 11.50
N LEU E 37 25.55 27.42 10.54
CA LEU E 37 24.78 26.22 10.84
C LEU E 37 25.51 25.32 11.84
N MET E 38 26.82 25.19 11.70
CA MET E 38 27.59 24.39 12.66
C MET E 38 27.52 24.99 14.05
N ALA E 39 27.63 26.31 14.16
CA ALA E 39 27.53 26.97 15.46
C ALA E 39 26.15 26.80 16.06
N TYR E 40 25.10 26.93 15.25
CA TYR E 40 23.74 26.76 15.75
C TYR E 40 23.48 25.32 16.18
N CYS E 41 24.09 24.35 15.51
CA CYS E 41 23.90 22.96 15.90
C CYS E 41 24.68 22.61 17.16
N GLU E 42 25.90 23.14 17.30
CA GLU E 42 26.70 22.86 18.48
C GLU E 42 26.27 23.66 19.70
N ALA E 43 25.52 24.75 19.50
CA ALA E 43 25.08 25.55 20.63
C ALA E 43 23.91 24.89 21.36
N HIS E 44 22.98 24.28 20.63
CA HIS E 44 21.81 23.64 21.20
C HIS E 44 21.93 22.12 21.22
N ALA E 45 23.16 21.59 21.35
CA ALA E 45 23.34 20.14 21.36
C ALA E 45 22.78 19.51 22.62
N LYS E 46 23.01 20.14 23.78
CA LYS E 46 22.51 19.59 25.02
C LYS E 46 21.00 19.73 25.14
N GLU E 47 20.41 20.72 24.48
CA GLU E 47 18.98 20.96 24.54
C GLU E 47 18.18 20.02 23.64
N ASP E 48 18.83 19.06 22.99
CA ASP E 48 18.15 18.12 22.09
C ASP E 48 18.07 16.75 22.76
N PRO E 49 16.89 16.34 23.25
CA PRO E 49 16.79 15.00 23.84
C PRO E 49 17.06 13.88 22.86
N LEU E 50 16.75 14.07 21.58
CA LEU E 50 17.03 13.03 20.59
C LEU E 50 18.53 12.91 20.33
N LEU E 51 19.24 14.04 20.26
CA LEU E 51 20.68 13.99 20.04
C LEU E 51 21.42 13.52 21.29
N THR E 52 20.98 13.98 22.46
CA THR E 52 21.60 13.59 23.73
C THR E 52 20.55 12.89 24.59
N PRO E 53 20.67 11.57 24.81
CA PRO E 53 19.67 10.88 25.62
C PRO E 53 19.65 11.37 27.05
N VAL E 54 18.48 11.33 27.66
CA VAL E 54 18.27 11.77 29.03
C VAL E 54 17.60 10.65 29.83
N PRO E 55 17.83 10.62 31.15
CA PRO E 55 17.24 9.55 31.97
C PRO E 55 15.73 9.64 32.02
N ALA E 56 15.11 8.53 32.42
CA ALA E 56 13.66 8.44 32.48
C ALA E 56 13.06 9.25 33.63
N SER E 57 13.89 9.77 34.55
CA SER E 57 13.37 10.58 35.64
C SER E 57 12.74 11.87 35.15
N GLU E 58 13.20 12.38 34.00
CA GLU E 58 12.65 13.59 33.41
C GLU E 58 11.84 13.33 32.14
N ASN E 59 11.83 12.10 31.64
CA ASN E 59 11.09 11.78 30.42
C ASN E 59 9.67 11.34 30.77
N PRO E 60 8.64 12.07 30.34
CA PRO E 60 7.27 11.62 30.61
C PRO E 60 6.85 10.43 29.77
N PHE E 61 7.60 10.06 28.75
CA PHE E 61 7.28 8.93 27.89
C PHE E 61 7.84 7.62 28.42
N ARG E 62 8.15 7.55 29.72
CA ARG E 62 8.68 6.34 30.33
C ARG E 62 7.62 5.26 30.44
N1 NIT F 1 -0.94 -42.71 25.44
C1 NIT F 1 0.50 -42.63 25.39
C2 NIT F 1 1.14 -41.42 25.29
C3 NIT F 1 2.50 -41.36 25.24
C4 NIT F 1 3.25 -42.51 25.33
N4 NIT F 1 4.69 -42.42 25.32
ON1 NIT F 1 5.47 -43.46 24.84
ON2 NIT F 1 5.23 -41.46 25.71
C5 NIT F 1 2.61 -43.73 25.45
C6 NIT F 1 1.23 -43.79 25.49
H2 NIT F 1 0.57 -40.50 25.23
HN11 NIT F 1 -1.39 -43.20 26.18
H3 NIT F 1 2.96 -40.38 25.16
H5 NIT F 1 3.17 -44.65 25.51
H6 NIT F 1 0.73 -44.75 25.57
CD1 FC0 F 2 -6.09 -41.11 26.58
CE1 FC0 F 2 -7.25 -40.35 26.60
CZ FC0 F 2 -7.39 -39.29 25.73
CE2 FC0 F 2 -6.38 -38.99 24.86
CD2 FC0 F 2 -5.22 -39.74 24.85
CG FC0 F 2 -5.06 -40.82 25.70
CB FC0 F 2 -3.79 -41.68 25.73
CA FC0 F 2 -3.23 -42.12 24.38
C FC0 F 2 -1.72 -42.07 24.41
O FC0 F 2 -1.20 -41.51 23.51
N FC0 F 2 -3.49 -43.46 23.94
C1 FC0 F 2 -4.80 -43.82 23.43
O1 FC0 F 2 -5.65 -43.02 23.44
HD1 FC0 F 2 -6.01 -41.93 27.27
HE1 FC0 F 2 -8.05 -40.60 27.28
HZ FC0 F 2 -8.30 -38.70 25.74
HE2 FC0 F 2 -6.49 -38.15 24.18
HD2 FC0 F 2 -4.45 -39.45 24.14
HB1 FC0 F 2 -3.98 -42.59 26.30
HB2 FC0 F 2 -3.03 -41.11 26.25
HA FC0 F 2 -3.51 -41.46 23.58
H FC0 F 2 -2.73 -44.10 23.94
N NLE F 3 -5.15 -45.13 22.93
CA NLE F 3 -4.23 -46.25 22.85
C NLE F 3 -3.16 -45.94 21.81
O NLE F 3 -3.55 -45.71 20.74
CB NLE F 3 -5.03 -47.51 22.44
CG NLE F 3 -6.14 -47.98 23.40
CD NLE F 3 -5.68 -48.40 24.79
CE NLE F 3 -5.51 -47.28 25.82
H NLE F 3 -6.09 -45.24 22.62
HA NLE F 3 -3.75 -46.39 23.80
HB2 NLE F 3 -4.31 -48.31 22.32
HB3 NLE F 3 -5.50 -47.34 21.48
HG2 NLE F 3 -6.59 -48.85 22.95
HG3 NLE F 3 -6.92 -47.23 23.49
HD2 NLE F 3 -6.40 -49.11 25.19
HD3 NLE F 3 -4.73 -48.90 24.70
HE1 NLE F 3 -5.96 -47.60 26.75
HE2 NLE F 3 -4.45 -47.11 26.00
HE3 NLE F 3 -5.99 -46.37 25.48
N A1D5B F 4 -1.74 -45.89 22.12
CA A1D5B F 4 -0.71 -45.60 21.14
CB A1D5B F 4 -0.20 -44.16 21.28
CG A1D5B F 4 -0.70 -43.22 20.19
CD A1D5B F 4 -0.02 -41.85 20.21
CE A1D5B F 4 -0.92 -40.70 19.75
NZ A1D5B F 4 -1.61 -40.11 20.87
C A1D5B F 4 0.48 -46.50 21.39
O A1D5B F 4 1.20 -46.80 20.50
OXT A1D5B F 4 0.72 -47.00 22.67
C7 A1D5B F 4 1.92 -46.54 23.23
H1 A1D5B F 4 -1.44 -46.10 23.06
H4 A1D5B F 4 -1.06 -45.78 20.13
H5 A1D5B F 4 0.88 -44.16 21.25
H6 A1D5B F 4 -0.51 -43.79 22.24
H7 A1D5B F 4 -1.78 -43.10 20.33
H8 A1D5B F 4 -0.54 -43.66 19.21
H9 A1D5B F 4 0.33 -41.63 21.21
H10 A1D5B F 4 0.84 -41.90 19.55
H11 A1D5B F 4 -1.63 -41.05 19.01
H12 A1D5B F 4 -0.30 -39.93 19.29
H13 A1D5B F 4 -2.19 -39.35 20.55
H14 A1D5B F 4 -2.18 -40.79 21.33
H16 A1D5B F 4 2.04 -45.48 23.03
H17 A1D5B F 4 1.87 -46.69 24.31
H18 A1D5B F 4 2.76 -47.08 22.83
#